data_6EJC
#
_entry.id   6EJC
#
_cell.length_a   67.626
_cell.length_b   86.898
_cell.length_c   152.389
_cell.angle_alpha   90.000
_cell.angle_beta   90.000
_cell.angle_gamma   90.000
#
_symmetry.space_group_name_H-M   'P 21 21 21'
#
loop_
_entity.id
_entity.type
_entity.pdbx_description
1 polymer 'Xylosyltransferase 1'
2 polymer 'Protein AMBP'
3 non-polymer 'PHOSPHATE ION'
4 non-polymer 'SODIUM ION'
5 water water
#
loop_
_entity_poly.entity_id
_entity_poly.type
_entity_poly.pdbx_seq_one_letter_code
_entity_poly.pdbx_strand_id
1 'polypeptide(L)'
;APLVHHHHHHALDENLYFQGALADVSRPPHARKTGGSSPETKYDQPPKCDISGKEAISALSRAKSKHCRQEIGETYCRHK
LGLLMPEKVTRFCPLEGKANKNVQWDEDSVEYMPANPVRIAFVLVVHGRASRQLQRMFKAIYHKDHFYYIHVDKRSNYLH
RQVLQVSRQYSNVRVTPWRMATIWGGASLLSTYLQSMRDLLEMTDWPWDFFINLSAADYPIRTNDQLVAFLSRYRDMNFL
KSHGRDNARFIRKQGLDRLFLECDAHMWRLGDRRIPEGIAVDGGSDWFLLNRRFVEYVTFSTDDLVTKMKQFYSYTLLPA
ESFFHTVLENSPHCDTMVDNNLRITNWNRKLGCKCQYKHIVDWCGCSPNDFKPQDFHRFQQTARPTFFARKFEAVVNQEI
IGQLDYYLYGNYPAGTPGLRSYWENVYDEPDGIHSLSDVTLTLYHSFARLGLRRAETSLHTDGENSCRYYPMGHPASVHL
YFLADRFQGFLIKHHATNLAVSKLETLETWVMPKKVFKIASPPSDFGRLQFSEVGTDWDAKERLFRNFGGLLGPMDEPVG
MQKWGKGPNVTVTVIWVDPVNVIAATYDILIESTAEFTHYKPPLNLPLRPGVWTVKILHHWVPVAETKFLVAPLTFSNRQ
PIKPEEALKLHNGPLRNAYMEQSFQSLNPVLSLPINPAQVEQARRNAASTGTALEGWLDSLVGGMWTAMDICATGPTACP
VMQTCSQTAWSSFSPDPKSELGAVKPDGRLR
;
A
2 'polypeptide(L)' QEEEGSGVGQGG B
#
# COMPACT_ATOMS: atom_id res chain seq x y z
N GLN A 45 27.22 -26.44 -3.07
CA GLN A 45 28.50 -26.91 -2.56
C GLN A 45 28.61 -26.65 -1.06
N PRO A 46 29.49 -27.38 -0.37
CA PRO A 46 29.61 -27.23 1.08
C PRO A 46 30.12 -25.86 1.45
N PRO A 47 29.88 -25.42 2.69
CA PRO A 47 30.30 -24.06 3.09
C PRO A 47 31.77 -24.00 3.44
N LYS A 48 32.27 -22.76 3.51
CA LYS A 48 33.67 -22.54 3.85
C LYS A 48 33.96 -22.83 5.32
N CYS A 49 32.93 -22.93 6.15
CA CYS A 49 33.11 -23.24 7.56
C CYS A 49 31.86 -23.96 8.07
N ASP A 50 32.05 -24.74 9.14
CA ASP A 50 30.93 -25.43 9.76
C ASP A 50 29.90 -24.42 10.23
N ILE A 51 28.65 -24.59 9.79
CA ILE A 51 27.55 -23.69 10.12
C ILE A 51 26.67 -24.40 11.14
N SER A 52 26.66 -23.90 12.38
CA SER A 52 25.91 -24.51 13.46
C SER A 52 24.91 -23.57 14.12
N GLY A 53 24.96 -22.27 13.84
CA GLY A 53 24.00 -21.34 14.39
C GLY A 53 22.57 -21.70 14.03
N LYS A 54 21.71 -21.82 15.04
CA LYS A 54 20.31 -22.19 14.80
C LYS A 54 19.65 -21.19 13.86
N GLU A 55 19.94 -19.90 14.01
CA GLU A 55 19.30 -18.89 13.18
C GLU A 55 19.77 -18.99 11.73
N ALA A 56 21.06 -19.25 11.51
CA ALA A 56 21.57 -19.34 10.15
C ALA A 56 21.08 -20.60 9.44
N ILE A 57 20.98 -21.72 10.17
CA ILE A 57 20.45 -22.94 9.58
C ILE A 57 18.99 -22.72 9.17
N SER A 58 18.23 -21.99 9.99
CA SER A 58 16.83 -21.73 9.66
C SER A 58 16.71 -20.88 8.40
N ALA A 59 17.60 -19.90 8.23
CA ALA A 59 17.56 -19.07 7.03
C ALA A 59 18.02 -19.84 5.81
N LEU A 60 19.01 -20.72 5.97
CA LEU A 60 19.49 -21.51 4.85
C LEU A 60 18.42 -22.46 4.33
N SER A 61 17.53 -22.93 5.21
CA SER A 61 16.48 -23.86 4.79
C SER A 61 15.33 -23.14 4.11
N ARG A 62 15.09 -21.86 4.45
CA ARG A 62 13.98 -21.11 3.88
C ARG A 62 14.34 -20.37 2.61
N ALA A 63 15.61 -20.07 2.39
CA ALA A 63 16.03 -19.36 1.19
C ALA A 63 15.83 -20.24 -0.04
N LYS A 64 15.39 -19.63 -1.14
CA LYS A 64 15.08 -20.37 -2.36
C LYS A 64 16.24 -20.33 -3.36
N SER A 65 16.74 -19.14 -3.68
CA SER A 65 17.78 -19.02 -4.69
C SER A 65 19.09 -19.61 -4.17
N LYS A 66 19.90 -20.11 -5.11
CA LYS A 66 21.23 -20.61 -4.76
C LYS A 66 22.15 -19.46 -4.35
N HIS A 67 22.06 -18.33 -5.05
CA HIS A 67 22.84 -17.16 -4.69
C HIS A 67 22.59 -16.73 -3.25
N CYS A 68 21.36 -16.91 -2.77
CA CYS A 68 21.02 -16.46 -1.42
C CYS A 68 21.61 -17.37 -0.36
N ARG A 69 21.54 -18.68 -0.57
CA ARG A 69 22.14 -19.61 0.38
C ARG A 69 23.64 -19.39 0.48
N GLN A 70 24.30 -19.13 -0.65
CA GLN A 70 25.74 -18.89 -0.64
C GLN A 70 26.08 -17.63 0.13
N GLU A 71 25.39 -16.52 -0.18
CA GLU A 71 25.67 -15.26 0.50
C GLU A 71 25.40 -15.36 2.00
N ILE A 72 24.42 -16.18 2.40
CA ILE A 72 24.16 -16.40 3.82
C ILE A 72 25.34 -17.08 4.48
N GLY A 73 25.83 -18.17 3.88
CA GLY A 73 26.96 -18.88 4.46
C GLY A 73 28.21 -18.03 4.52
N GLU A 74 28.49 -17.27 3.46
CA GLU A 74 29.67 -16.42 3.44
C GLU A 74 29.62 -15.38 4.54
N THR A 75 28.45 -14.75 4.74
CA THR A 75 28.31 -13.75 5.79
C THR A 75 28.51 -14.39 7.17
N TYR A 76 27.87 -15.54 7.40
CA TYR A 76 27.96 -16.21 8.69
C TYR A 76 29.41 -16.56 9.04
N CYS A 77 30.14 -17.17 8.10
CA CYS A 77 31.48 -17.62 8.40
C CYS A 77 32.42 -16.44 8.65
N ARG A 78 32.23 -15.33 7.92
CA ARG A 78 33.05 -14.14 8.16
C ARG A 78 32.87 -13.63 9.58
N HIS A 79 31.62 -13.55 10.03
CA HIS A 79 31.33 -13.11 11.39
C HIS A 79 31.89 -14.11 12.41
N LYS A 80 31.85 -15.41 12.08
CA LYS A 80 32.38 -16.43 12.99
C LYS A 80 33.85 -16.19 13.28
N LEU A 81 34.61 -15.75 12.28
CA LEU A 81 36.03 -15.49 12.43
C LEU A 81 36.33 -14.09 12.95
N GLY A 82 35.32 -13.24 13.10
CA GLY A 82 35.54 -11.90 13.61
C GLY A 82 36.08 -10.93 12.57
N LEU A 83 35.83 -11.19 11.29
CA LEU A 83 36.33 -10.35 10.21
C LEU A 83 35.27 -9.45 9.60
N LEU A 84 34.02 -9.56 10.06
CA LEU A 84 32.91 -8.82 9.46
C LEU A 84 32.60 -7.52 10.20
N MET A 85 32.43 -7.58 11.53
CA MET A 85 31.92 -6.47 12.30
C MET A 85 33.04 -5.80 13.11
N PRO A 86 32.96 -4.49 13.32
CA PRO A 86 33.92 -3.82 14.20
C PRO A 86 33.53 -3.96 15.68
N GLU A 87 34.55 -3.93 16.54
CA GLU A 87 34.35 -4.11 17.98
C GLU A 87 34.69 -2.88 18.81
N LYS A 88 35.46 -1.93 18.29
CA LYS A 88 35.66 -0.67 18.98
C LYS A 88 35.77 0.44 17.94
N VAL A 89 35.24 1.61 18.27
CA VAL A 89 35.16 2.73 17.33
C VAL A 89 35.58 4.01 18.06
N THR A 90 36.18 4.93 17.32
CA THR A 90 36.62 6.20 17.87
C THR A 90 35.48 7.20 17.91
N ARG A 91 35.43 7.99 18.98
CA ARG A 91 34.45 9.04 19.17
C ARG A 91 35.16 10.38 19.10
N PHE A 92 34.69 11.26 18.21
CA PHE A 92 35.34 12.54 17.96
C PHE A 92 34.64 13.72 18.62
N CYS A 93 33.42 13.52 19.13
CA CYS A 93 32.70 14.63 19.75
C CYS A 93 33.39 15.06 21.03
N PRO A 94 33.56 16.38 21.26
CA PRO A 94 34.18 16.84 22.51
C PRO A 94 33.25 16.78 23.70
N LEU A 95 31.96 16.98 23.46
CA LEU A 95 30.99 16.98 24.55
C LEU A 95 31.03 15.65 25.31
N GLU A 96 30.75 15.72 26.61
CA GLU A 96 30.67 14.52 27.43
C GLU A 96 29.35 13.78 27.25
N GLY A 97 28.40 14.35 26.51
CA GLY A 97 27.13 13.70 26.26
C GLY A 97 26.44 14.23 25.02
N LYS A 98 25.13 14.46 25.12
CA LYS A 98 24.34 15.02 24.04
C LYS A 98 23.95 16.45 24.37
N ALA A 99 23.71 17.24 23.34
CA ALA A 99 23.42 18.66 23.50
C ALA A 99 21.91 18.92 23.51
N ASN A 100 21.27 18.74 22.36
CA ASN A 100 19.86 19.06 22.21
C ASN A 100 19.66 20.57 22.34
N LYS A 101 20.12 21.32 21.34
CA LYS A 101 20.01 22.78 21.34
C LYS A 101 18.55 23.22 21.28
N GLN A 104 12.29 27.52 22.92
CA GLN A 104 11.32 28.62 22.90
C GLN A 104 10.67 28.73 21.53
N TRP A 105 9.52 28.05 21.36
CA TRP A 105 8.82 28.02 20.09
C TRP A 105 7.78 29.14 20.06
N ASP A 106 8.00 30.14 19.23
CA ASP A 106 7.08 31.26 19.03
C ASP A 106 6.52 31.16 17.62
N GLU A 107 5.22 30.87 17.52
CA GLU A 107 4.61 30.66 16.21
C GLU A 107 4.72 31.88 15.30
N ASP A 108 5.01 33.05 15.85
CA ASP A 108 5.11 34.27 15.07
C ASP A 108 6.50 34.48 14.46
N SER A 109 7.45 33.60 14.76
CA SER A 109 8.80 33.74 14.23
C SER A 109 8.94 33.26 12.79
N VAL A 110 7.94 32.57 12.25
CA VAL A 110 8.02 32.02 10.90
C VAL A 110 7.38 32.98 9.90
N GLU A 111 7.10 34.20 10.33
CA GLU A 111 6.38 35.16 9.48
C GLU A 111 7.30 36.13 8.75
N TYR A 112 8.50 36.39 9.26
CA TYR A 112 9.40 37.33 8.63
C TYR A 112 9.80 36.84 7.23
N MET A 113 10.38 37.75 6.44
CA MET A 113 10.85 37.42 5.10
C MET A 113 12.36 37.29 5.11
N PRO A 114 12.94 36.15 4.72
CA PRO A 114 14.40 36.04 4.73
C PRO A 114 15.04 36.83 3.59
N ALA A 115 16.23 37.37 3.89
CA ALA A 115 17.04 37.98 2.84
C ALA A 115 17.85 36.93 2.07
N ASN A 116 18.25 35.85 2.73
CA ASN A 116 19.03 34.79 2.11
C ASN A 116 18.33 33.46 2.36
N PRO A 117 17.20 33.21 1.69
CA PRO A 117 16.45 31.99 1.96
C PRO A 117 17.20 30.74 1.52
N VAL A 118 16.94 29.64 2.23
CA VAL A 118 17.58 28.37 1.92
C VAL A 118 16.88 27.74 0.72
N ARG A 119 17.64 26.96 -0.05
CA ARG A 119 17.11 26.15 -1.14
C ARG A 119 17.22 24.69 -0.73
N ILE A 120 16.11 23.96 -0.89
CA ILE A 120 15.96 22.64 -0.30
C ILE A 120 16.01 21.58 -1.39
N ALA A 121 16.68 20.47 -1.10
CA ALA A 121 16.65 19.28 -1.95
C ALA A 121 15.75 18.26 -1.30
N PHE A 122 14.58 18.03 -1.91
CA PHE A 122 13.65 17.00 -1.44
C PHE A 122 13.99 15.68 -2.10
N VAL A 123 14.09 14.63 -1.30
CA VAL A 123 14.32 13.26 -1.78
C VAL A 123 13.04 12.47 -1.50
N LEU A 124 12.37 12.03 -2.56
CA LEU A 124 11.12 11.31 -2.44
C LEU A 124 11.36 9.83 -2.68
N VAL A 125 11.10 9.01 -1.66
CA VAL A 125 11.19 7.56 -1.76
C VAL A 125 9.76 7.02 -1.80
N VAL A 126 9.34 6.51 -2.96
CA VAL A 126 7.95 6.22 -3.21
C VAL A 126 7.77 4.82 -3.76
N HIS A 127 6.59 4.25 -3.52
CA HIS A 127 6.20 2.96 -4.09
C HIS A 127 4.67 2.90 -4.10
N GLY A 128 4.14 1.93 -4.84
CA GLY A 128 2.72 1.70 -4.89
C GLY A 128 2.07 2.19 -6.16
N ARG A 129 0.76 2.47 -6.05
CA ARG A 129 -0.07 2.82 -7.20
C ARG A 129 -0.67 4.22 -7.12
N ALA A 130 -0.46 4.96 -6.03
CA ALA A 130 -1.20 6.19 -5.78
C ALA A 130 -0.53 7.40 -6.42
N SER A 131 -0.40 7.33 -7.75
CA SER A 131 0.30 8.39 -8.49
C SER A 131 -0.42 9.73 -8.41
N ARG A 132 -1.75 9.73 -8.34
CA ARG A 132 -2.47 11.01 -8.31
C ARG A 132 -2.34 11.69 -6.95
N GLN A 133 -2.26 10.93 -5.87
CA GLN A 133 -2.00 11.54 -4.57
C GLN A 133 -0.58 12.10 -4.51
N LEU A 134 0.39 11.37 -5.06
CA LEU A 134 1.76 11.88 -5.10
C LEU A 134 1.85 13.17 -5.90
N GLN A 135 1.11 13.24 -7.00
CA GLN A 135 1.07 14.47 -7.80
C GLN A 135 0.42 15.61 -7.01
N ARG A 136 -0.57 15.30 -6.18
CA ARG A 136 -1.20 16.33 -5.36
C ARG A 136 -0.24 16.86 -4.30
N MET A 137 0.52 15.98 -3.64
CA MET A 137 1.48 16.43 -2.63
C MET A 137 2.63 17.18 -3.28
N PHE A 138 3.12 16.69 -4.42
CA PHE A 138 4.15 17.41 -5.15
C PHE A 138 3.69 18.81 -5.51
N LYS A 139 2.40 18.97 -5.83
CA LYS A 139 1.86 20.29 -6.12
C LYS A 139 1.94 21.19 -4.90
N ALA A 140 1.73 20.62 -3.71
CA ALA A 140 1.67 21.43 -2.49
C ALA A 140 3.06 21.91 -2.06
N ILE A 141 4.11 21.12 -2.32
CA ILE A 141 5.46 21.44 -1.83
C ILE A 141 6.35 22.08 -2.88
N TYR A 142 5.90 22.17 -4.12
CA TYR A 142 6.80 22.61 -5.19
C TYR A 142 7.10 24.11 -5.09
N HIS A 143 8.36 24.46 -5.37
CA HIS A 143 8.74 25.84 -5.63
C HIS A 143 9.95 25.83 -6.55
N LYS A 144 9.99 26.82 -7.47
CA LYS A 144 11.01 26.83 -8.51
C LYS A 144 12.43 26.89 -7.96
N ASP A 145 12.61 27.33 -6.72
CA ASP A 145 13.95 27.47 -6.15
C ASP A 145 14.43 26.24 -5.41
N HIS A 146 13.57 25.24 -5.21
CA HIS A 146 13.95 24.01 -4.54
C HIS A 146 14.34 22.95 -5.58
N PHE A 147 14.61 21.74 -5.11
CA PHE A 147 15.04 20.64 -5.97
C PHE A 147 14.35 19.37 -5.51
N TYR A 148 14.14 18.44 -6.45
CA TYR A 148 13.34 17.25 -6.20
C TYR A 148 13.98 16.05 -6.88
N TYR A 149 14.37 15.06 -6.08
CA TYR A 149 15.08 13.87 -6.55
C TYR A 149 14.28 12.65 -6.08
N ILE A 150 13.72 11.89 -7.03
CA ILE A 150 12.69 10.90 -6.73
C ILE A 150 13.26 9.50 -6.98
N HIS A 151 13.08 8.62 -6.01
CA HIS A 151 13.45 7.21 -6.12
C HIS A 151 12.19 6.37 -6.08
N VAL A 152 11.96 5.58 -7.14
CA VAL A 152 10.79 4.72 -7.25
C VAL A 152 11.21 3.28 -7.04
N ASP A 153 10.51 2.58 -6.16
CA ASP A 153 10.79 1.17 -5.89
C ASP A 153 10.88 0.38 -7.19
N LYS A 154 11.88 -0.49 -7.27
CA LYS A 154 12.10 -1.29 -8.48
C LYS A 154 10.86 -2.07 -8.88
N ARG A 155 10.00 -2.43 -7.91
CA ARG A 155 8.82 -3.23 -8.18
C ARG A 155 7.61 -2.41 -8.65
N SER A 156 7.73 -1.10 -8.75
CA SER A 156 6.59 -0.22 -9.06
C SER A 156 6.85 0.49 -10.39
N ASN A 157 6.71 -0.25 -11.48
CA ASN A 157 7.00 0.31 -12.80
C ASN A 157 5.91 1.28 -13.26
N TYR A 158 4.64 1.03 -12.91
CA TYR A 158 3.59 1.97 -13.26
C TYR A 158 3.85 3.34 -12.64
N LEU A 159 4.12 3.39 -11.34
CA LEU A 159 4.43 4.65 -10.68
C LEU A 159 5.66 5.31 -11.29
N HIS A 160 6.64 4.51 -11.72
CA HIS A 160 7.85 5.08 -12.31
C HIS A 160 7.55 5.78 -13.63
N ARG A 161 6.76 5.15 -14.49
CA ARG A 161 6.41 5.78 -15.77
C ARG A 161 5.66 7.09 -15.56
N GLN A 162 4.85 7.19 -14.51
CA GLN A 162 4.15 8.43 -14.24
C GLN A 162 5.08 9.50 -13.70
N VAL A 163 6.02 9.10 -12.83
CA VAL A 163 6.98 10.06 -12.27
C VAL A 163 7.86 10.61 -13.38
N LEU A 164 8.20 9.78 -14.37
CA LEU A 164 9.02 10.25 -15.48
C LEU A 164 8.36 11.41 -16.22
N GLN A 165 7.04 11.35 -16.41
CA GLN A 165 6.34 12.45 -17.07
C GLN A 165 6.48 13.74 -16.29
N VAL A 166 6.57 13.66 -14.97
CA VAL A 166 6.76 14.85 -14.15
C VAL A 166 8.17 15.41 -14.33
N SER A 167 9.17 14.54 -14.24
CA SER A 167 10.55 15.00 -14.35
C SER A 167 10.85 15.61 -15.73
N ARG A 168 10.08 15.22 -16.75
CA ARG A 168 10.28 15.78 -18.08
C ARG A 168 9.75 17.20 -18.22
N GLN A 169 8.81 17.61 -17.37
CA GLN A 169 8.20 18.92 -17.48
C GLN A 169 8.99 20.02 -16.79
N TYR A 170 9.80 19.68 -15.77
CA TYR A 170 10.43 20.67 -14.92
C TYR A 170 11.92 20.42 -14.82
N SER A 171 12.71 21.49 -14.90
CA SER A 171 14.15 21.37 -14.93
C SER A 171 14.73 21.01 -13.56
N ASN A 172 14.04 21.40 -12.48
CA ASN A 172 14.49 21.11 -11.12
C ASN A 172 13.89 19.82 -10.56
N VAL A 173 13.54 18.87 -11.42
CA VAL A 173 13.01 17.57 -11.00
C VAL A 173 13.76 16.48 -11.74
N ARG A 174 14.35 15.55 -11.00
CA ARG A 174 15.09 14.44 -11.59
C ARG A 174 14.71 13.14 -10.89
N VAL A 175 14.94 12.03 -11.59
CA VAL A 175 14.65 10.70 -11.07
C VAL A 175 15.95 9.93 -10.93
N THR A 176 16.02 9.08 -9.91
CA THR A 176 17.22 8.26 -9.72
C THR A 176 17.32 7.25 -10.85
N PRO A 177 18.48 7.16 -11.54
CA PRO A 177 18.61 6.10 -12.56
C PRO A 177 18.64 4.71 -11.97
N TRP A 178 19.15 4.57 -10.75
CA TRP A 178 19.17 3.31 -10.04
C TRP A 178 17.93 3.17 -9.18
N ARG A 179 17.48 1.93 -8.99
CA ARG A 179 16.24 1.65 -8.27
C ARG A 179 16.40 0.37 -7.49
N MET A 180 16.22 0.43 -6.17
CA MET A 180 16.30 -0.72 -5.30
C MET A 180 14.90 -1.15 -4.87
N ALA A 181 14.82 -2.38 -4.33
CA ALA A 181 13.58 -2.90 -3.76
C ALA A 181 13.60 -2.64 -2.27
N THR A 182 13.15 -1.45 -1.88
CA THR A 182 13.23 -0.99 -0.49
C THR A 182 12.10 -1.62 0.32
N ILE A 183 12.30 -2.90 0.67
CA ILE A 183 11.36 -3.58 1.54
C ILE A 183 11.36 -2.93 2.91
N TRP A 184 10.31 -3.22 3.69
CA TRP A 184 10.20 -2.66 5.03
C TRP A 184 11.33 -3.17 5.91
N GLY A 185 12.02 -2.25 6.59
CA GLY A 185 13.11 -2.59 7.47
C GLY A 185 14.38 -3.03 6.77
N GLY A 186 14.40 -3.05 5.45
CA GLY A 186 15.55 -3.57 4.74
C GLY A 186 16.76 -2.65 4.86
N ALA A 187 17.94 -3.27 4.88
CA ALA A 187 19.18 -2.51 4.91
C ALA A 187 19.32 -1.60 3.70
N SER A 188 18.60 -1.90 2.62
CA SER A 188 18.73 -1.15 1.37
C SER A 188 18.23 0.28 1.50
N LEU A 189 17.40 0.59 2.49
CA LEU A 189 16.91 1.96 2.63
C LEU A 189 18.05 2.92 2.94
N LEU A 190 18.98 2.52 3.82
CA LEU A 190 20.14 3.37 4.09
C LEU A 190 21.02 3.48 2.85
N SER A 191 21.19 2.39 2.11
CA SER A 191 21.96 2.44 0.88
C SER A 191 21.33 3.41 -0.12
N THR A 192 20.00 3.49 -0.12
CA THR A 192 19.32 4.43 -1.02
C THR A 192 19.63 5.87 -0.62
N TYR A 193 19.49 6.20 0.66
CA TYR A 193 19.75 7.55 1.13
C TYR A 193 21.19 7.95 0.86
N LEU A 194 22.15 7.08 1.21
CA LEU A 194 23.56 7.45 1.09
C LEU A 194 23.95 7.66 -0.37
N GLN A 195 23.38 6.88 -1.28
CA GLN A 195 23.70 7.06 -2.70
C GLN A 195 23.09 8.35 -3.23
N SER A 196 21.87 8.68 -2.80
CA SER A 196 21.25 9.92 -3.26
C SER A 196 22.01 11.14 -2.73
N MET A 197 22.57 11.03 -1.52
CA MET A 197 23.39 12.12 -0.98
C MET A 197 24.64 12.34 -1.81
N ARG A 198 25.30 11.25 -2.24
CA ARG A 198 26.44 11.38 -3.11
C ARG A 198 26.03 11.98 -4.46
N ASP A 199 24.96 11.46 -5.05
CA ASP A 199 24.45 12.02 -6.30
C ASP A 199 24.19 13.51 -6.17
N LEU A 200 23.47 13.90 -5.11
CA LEU A 200 23.07 15.30 -4.95
C LEU A 200 24.26 16.22 -4.71
N LEU A 201 25.25 15.75 -3.94
CA LEU A 201 26.45 16.57 -3.71
C LEU A 201 27.23 16.78 -5.00
N GLU A 202 27.17 15.83 -5.93
CA GLU A 202 27.89 15.94 -7.20
C GLU A 202 27.11 16.70 -8.26
N MET A 203 25.86 17.07 -7.99
CA MET A 203 25.08 17.91 -8.89
C MET A 203 25.46 19.36 -8.64
N THR A 204 26.51 19.80 -9.35
CA THR A 204 27.03 21.16 -9.16
C THR A 204 25.96 22.21 -9.37
N ASP A 205 25.10 22.03 -10.37
CA ASP A 205 24.13 23.04 -10.74
C ASP A 205 22.96 23.14 -9.76
N TRP A 206 22.95 22.36 -8.68
CA TRP A 206 21.89 22.38 -7.67
C TRP A 206 22.49 22.81 -6.33
N PRO A 207 22.60 24.11 -6.06
CA PRO A 207 23.16 24.56 -4.78
C PRO A 207 22.14 24.52 -3.64
N TRP A 208 22.01 23.36 -2.99
CA TRP A 208 21.01 23.17 -1.95
C TRP A 208 21.65 23.26 -0.57
N ASP A 209 20.81 23.62 0.41
CA ASP A 209 21.26 23.83 1.79
C ASP A 209 20.73 22.79 2.77
N PHE A 210 19.60 22.17 2.48
CA PHE A 210 19.01 21.18 3.38
C PHE A 210 18.57 19.95 2.60
N PHE A 211 18.51 18.83 3.31
CA PHE A 211 18.12 17.53 2.79
C PHE A 211 16.89 17.07 3.55
N ILE A 212 15.77 16.90 2.85
CA ILE A 212 14.53 16.44 3.45
C ILE A 212 14.06 15.20 2.69
N ASN A 213 13.67 14.17 3.43
CA ASN A 213 13.16 12.93 2.84
C ASN A 213 11.66 12.81 3.09
N LEU A 214 10.92 12.40 2.06
CA LEU A 214 9.48 12.26 2.12
C LEU A 214 9.05 11.02 1.34
N SER A 215 7.90 10.47 1.72
CA SER A 215 7.30 9.33 1.03
C SER A 215 6.01 9.78 0.35
N ALA A 216 5.40 8.86 -0.39
CA ALA A 216 4.13 9.15 -1.04
C ALA A 216 2.98 9.27 -0.04
N ALA A 217 3.23 8.99 1.24
CA ALA A 217 2.21 9.09 2.27
C ALA A 217 2.44 10.26 3.22
N ASP A 218 3.37 11.16 2.89
CA ASP A 218 3.58 12.37 3.67
C ASP A 218 2.78 13.54 3.09
N TYR A 219 2.64 14.60 3.89
CA TYR A 219 1.97 15.81 3.43
C TYR A 219 2.38 16.98 4.29
N PRO A 220 2.60 18.17 3.72
CA PRO A 220 2.97 19.32 4.55
C PRO A 220 1.80 19.79 5.38
N ILE A 221 2.12 20.31 6.58
CA ILE A 221 1.14 20.92 7.45
C ILE A 221 1.44 22.40 7.71
N ARG A 222 2.36 22.97 6.92
CA ARG A 222 2.61 24.41 6.93
C ARG A 222 3.05 24.80 5.53
N THR A 223 2.90 26.09 5.23
CA THR A 223 3.23 26.58 3.90
C THR A 223 4.73 26.51 3.65
N ASN A 224 5.11 26.60 2.37
CA ASN A 224 6.51 26.64 1.99
C ASN A 224 7.18 27.91 2.49
N ASP A 225 6.47 29.04 2.48
CA ASP A 225 7.03 30.28 2.98
C ASP A 225 7.49 30.13 4.42
N GLN A 226 6.67 29.52 5.27
CA GLN A 226 7.03 29.34 6.67
C GLN A 226 8.17 28.34 6.83
N LEU A 227 8.18 27.29 6.01
CA LEU A 227 9.27 26.32 6.05
C LEU A 227 10.61 27.00 5.75
N VAL A 228 10.65 27.82 4.69
CA VAL A 228 11.89 28.49 4.33
C VAL A 228 12.31 29.47 5.42
N ALA A 229 11.35 30.21 5.97
CA ALA A 229 11.68 31.17 7.02
C ALA A 229 12.30 30.47 8.23
N PHE A 230 11.72 29.34 8.63
CA PHE A 230 12.23 28.63 9.80
C PHE A 230 13.64 28.10 9.57
N LEU A 231 13.85 27.41 8.45
CA LEU A 231 15.16 26.81 8.20
C LEU A 231 16.22 27.86 7.91
N SER A 232 15.84 28.99 7.31
CA SER A 232 16.79 30.06 7.07
C SER A 232 17.34 30.63 8.38
N ARG A 233 16.60 30.49 9.48
CA ARG A 233 17.08 30.97 10.77
C ARG A 233 17.99 29.96 11.46
N TYR A 234 17.84 28.67 11.16
CA TYR A 234 18.63 27.63 11.81
C TYR A 234 19.36 26.77 10.79
N ARG A 235 20.05 27.41 9.84
CA ARG A 235 20.61 26.67 8.72
C ARG A 235 21.82 25.83 9.10
N ASP A 236 22.37 25.99 10.31
CA ASP A 236 23.50 25.19 10.76
C ASP A 236 23.08 24.07 11.70
N MET A 237 21.79 23.80 11.84
CA MET A 237 21.29 22.77 12.73
C MET A 237 20.91 21.51 11.95
N ASN A 238 20.82 20.39 12.66
CA ASN A 238 20.36 19.13 12.12
C ASN A 238 19.19 18.63 12.97
N PHE A 239 18.11 18.21 12.30
CA PHE A 239 16.84 17.93 12.96
C PHE A 239 16.58 16.43 12.95
N LEU A 240 16.72 15.80 14.11
CA LEU A 240 16.54 14.37 14.29
C LEU A 240 15.90 14.11 15.64
N LYS A 241 14.97 13.17 15.69
CA LYS A 241 14.21 12.87 16.90
C LYS A 241 14.64 11.52 17.46
N SER A 242 14.96 11.50 18.76
CA SER A 242 15.40 10.29 19.44
C SER A 242 14.28 9.72 20.30
N HIS A 243 14.44 8.45 20.68
CA HIS A 243 13.44 7.79 21.52
C HIS A 243 13.36 8.43 22.89
N GLY A 244 14.49 8.86 23.45
CA GLY A 244 14.52 9.53 24.73
C GLY A 244 14.22 8.67 25.94
N ARG A 245 13.91 7.38 25.74
CA ARG A 245 13.62 6.48 26.86
C ARG A 245 14.87 5.68 27.24
N ASP A 246 14.68 4.42 27.63
CA ASP A 246 15.80 3.56 27.96
C ASP A 246 16.51 3.10 26.69
N ASN A 247 17.82 3.34 26.63
CA ASN A 247 18.56 3.04 25.41
C ASN A 247 18.87 1.56 25.26
N ALA A 248 19.03 0.83 26.38
CA ALA A 248 19.22 -0.61 26.30
C ALA A 248 17.98 -1.30 25.75
N ARG A 249 16.79 -0.84 26.17
CA ARG A 249 15.56 -1.39 25.60
C ARG A 249 15.41 -1.02 24.14
N PHE A 250 15.86 0.17 23.74
CA PHE A 250 15.80 0.56 22.34
C PHE A 250 16.66 -0.37 21.49
N ILE A 251 17.86 -0.70 21.97
CA ILE A 251 18.75 -1.60 21.22
C ILE A 251 18.08 -2.95 21.00
N ARG A 252 17.51 -3.53 22.05
CA ARG A 252 16.96 -4.88 21.95
C ARG A 252 15.75 -4.92 21.02
N LYS A 253 14.82 -3.97 21.18
CA LYS A 253 13.61 -4.01 20.38
C LYS A 253 13.88 -3.70 18.91
N GLN A 254 14.94 -2.94 18.62
CA GLN A 254 15.35 -2.68 17.24
C GLN A 254 16.21 -3.79 16.67
N GLY A 255 16.62 -4.77 17.47
CA GLY A 255 17.48 -5.83 17.00
C GLY A 255 18.86 -5.36 16.58
N LEU A 256 19.36 -4.27 17.17
CA LEU A 256 20.67 -3.77 16.80
C LEU A 256 21.79 -4.73 17.19
N ASP A 257 21.57 -5.52 18.25
CA ASP A 257 22.52 -6.55 18.66
C ASP A 257 22.33 -7.86 17.90
N ARG A 258 21.69 -7.82 16.74
CA ARG A 258 21.47 -9.00 15.91
C ARG A 258 22.00 -8.73 14.51
N LEU A 259 22.53 -9.77 13.87
CA LEU A 259 23.11 -9.66 12.54
C LEU A 259 22.05 -10.01 11.50
N PHE A 260 21.83 -9.11 10.54
CA PHE A 260 20.85 -9.28 9.48
C PHE A 260 21.52 -9.21 8.12
N LEU A 261 20.92 -9.89 7.15
CA LEU A 261 21.39 -9.85 5.76
C LEU A 261 20.19 -9.69 4.84
N GLU A 262 20.29 -8.80 3.87
CA GLU A 262 19.23 -8.55 2.92
C GLU A 262 19.53 -9.28 1.62
N CYS A 263 18.63 -10.19 1.22
CA CYS A 263 18.78 -10.91 -0.03
C CYS A 263 17.44 -11.53 -0.39
N ASP A 264 17.19 -11.64 -1.69
CA ASP A 264 15.91 -12.17 -2.20
C ASP A 264 14.74 -11.40 -1.62
N ALA A 265 14.89 -10.08 -1.49
CA ALA A 265 13.84 -9.21 -0.96
C ALA A 265 13.37 -9.69 0.41
N HIS A 266 14.32 -10.09 1.25
CA HIS A 266 14.03 -10.58 2.58
C HIS A 266 15.17 -10.18 3.50
N MET A 267 14.85 -10.01 4.78
CA MET A 267 15.85 -9.69 5.81
C MET A 267 16.02 -10.92 6.70
N TRP A 268 17.14 -11.62 6.54
CA TRP A 268 17.41 -12.86 7.27
C TRP A 268 18.20 -12.55 8.54
N ARG A 269 17.68 -12.98 9.68
CA ARG A 269 18.41 -12.87 10.94
C ARG A 269 19.38 -14.03 11.07
N LEU A 270 20.66 -13.71 11.27
CA LEU A 270 21.72 -14.71 11.22
C LEU A 270 22.37 -15.01 12.56
N GLY A 271 22.14 -14.19 13.59
CA GLY A 271 22.71 -14.47 14.89
C GLY A 271 22.93 -13.18 15.67
N ASP A 272 23.75 -13.30 16.71
CA ASP A 272 24.04 -12.21 17.62
C ASP A 272 25.31 -11.48 17.21
N ARG A 273 25.49 -10.29 17.79
CA ARG A 273 26.70 -9.50 17.57
C ARG A 273 26.84 -8.51 18.71
N ARG A 274 28.06 -8.02 18.90
CA ARG A 274 28.35 -7.07 19.97
C ARG A 274 28.18 -5.64 19.46
N ILE A 275 27.72 -4.77 20.36
CA ILE A 275 27.70 -3.34 20.08
C ILE A 275 29.12 -2.80 20.21
N PRO A 276 29.62 -2.03 19.24
CA PRO A 276 31.01 -1.58 19.32
C PRO A 276 31.25 -0.70 20.55
N GLU A 277 32.46 -0.83 21.11
CA GLU A 277 32.82 -0.08 22.30
C GLU A 277 33.33 1.31 21.92
N GLY A 278 33.19 2.25 22.86
CA GLY A 278 33.76 3.57 22.71
C GLY A 278 32.87 4.60 22.08
N ILE A 279 31.62 4.26 21.76
CA ILE A 279 30.68 5.22 21.15
C ILE A 279 29.32 5.05 21.80
N ALA A 280 28.52 6.11 21.71
CA ALA A 280 27.14 6.09 22.18
C ALA A 280 26.23 5.75 21.00
N VAL A 281 25.36 4.76 21.19
CA VAL A 281 24.40 4.35 20.18
C VAL A 281 23.06 5.01 20.49
N ASP A 282 22.42 5.56 19.46
CA ASP A 282 21.14 6.25 19.63
C ASP A 282 20.34 6.10 18.36
N GLY A 283 19.05 6.41 18.44
CA GLY A 283 18.19 6.32 17.28
C GLY A 283 16.78 6.74 17.62
N GLY A 284 15.91 6.60 16.62
CA GLY A 284 14.52 7.00 16.76
C GLY A 284 13.80 6.99 15.43
N SER A 285 13.46 8.16 14.92
CA SER A 285 12.75 8.28 13.65
C SER A 285 13.72 8.27 12.48
N ASP A 286 13.31 7.65 11.37
CA ASP A 286 14.07 7.72 10.13
C ASP A 286 13.53 8.78 9.17
N TRP A 287 12.85 9.80 9.69
CA TRP A 287 12.45 10.98 8.93
C TRP A 287 13.07 12.20 9.60
N PHE A 288 13.84 12.99 8.83
CA PHE A 288 14.71 14.00 9.41
C PHE A 288 14.95 15.12 8.40
N LEU A 289 15.72 16.12 8.83
CA LEU A 289 16.22 17.20 7.96
C LEU A 289 17.68 17.45 8.30
N LEU A 290 18.57 17.32 7.32
CA LEU A 290 20.00 17.43 7.53
C LEU A 290 20.59 18.52 6.64
N ASN A 291 21.47 19.35 7.21
CA ASN A 291 22.07 20.42 6.43
C ASN A 291 23.24 19.89 5.60
N ARG A 292 23.59 20.66 4.57
CA ARG A 292 24.58 20.20 3.60
C ARG A 292 25.92 19.90 4.25
N ARG A 293 26.33 20.73 5.21
CA ARG A 293 27.60 20.51 5.90
C ARG A 293 27.71 19.09 6.43
N PHE A 294 26.66 18.60 7.08
CA PHE A 294 26.73 17.27 7.69
C PHE A 294 26.61 16.17 6.66
N VAL A 295 25.81 16.38 5.61
CA VAL A 295 25.72 15.38 4.53
C VAL A 295 27.07 15.22 3.84
N GLU A 296 27.78 16.34 3.63
CA GLU A 296 29.12 16.27 3.06
C GLU A 296 30.04 15.41 3.92
N TYR A 297 29.93 15.54 5.24
CA TYR A 297 30.78 14.77 6.15
C TYR A 297 30.47 13.29 6.07
N VAL A 298 29.19 12.93 6.10
CA VAL A 298 28.80 11.52 6.06
C VAL A 298 29.21 10.87 4.75
N THR A 299 29.27 11.65 3.67
CA THR A 299 29.55 11.08 2.35
C THR A 299 31.04 10.88 2.12
N PHE A 300 31.86 11.90 2.40
CA PHE A 300 33.24 11.92 1.97
C PHE A 300 34.25 11.72 3.10
N SER A 301 33.80 11.58 4.34
CA SER A 301 34.73 11.38 5.46
C SER A 301 35.27 9.96 5.45
N THR A 302 36.54 9.82 5.81
CA THR A 302 37.19 8.51 5.92
C THR A 302 37.70 8.24 7.33
N ASP A 303 37.20 8.97 8.32
CA ASP A 303 37.68 8.76 9.69
C ASP A 303 37.14 7.44 10.24
N ASP A 304 37.62 7.08 11.42
CA ASP A 304 37.29 5.79 12.01
C ASP A 304 35.79 5.63 12.24
N LEU A 305 35.10 6.74 12.55
CA LEU A 305 33.69 6.65 12.90
C LEU A 305 32.82 6.33 11.69
N VAL A 306 32.95 7.13 10.62
CA VAL A 306 32.09 6.96 9.45
C VAL A 306 32.38 5.63 8.76
N THR A 307 33.65 5.27 8.64
CA THR A 307 34.01 4.03 7.96
C THR A 307 33.38 2.82 8.65
N LYS A 308 33.60 2.69 9.96
CA LYS A 308 33.13 1.51 10.67
C LYS A 308 31.61 1.48 10.78
N MET A 309 30.97 2.65 10.82
CA MET A 309 29.51 2.69 10.93
C MET A 309 28.84 2.31 9.61
N LYS A 310 29.49 2.57 8.48
CA LYS A 310 28.95 2.11 7.21
C LYS A 310 29.06 0.60 7.06
N GLN A 311 30.08 -0.01 7.66
CA GLN A 311 30.19 -1.46 7.65
C GLN A 311 29.17 -2.08 8.61
N PHE A 312 29.07 -1.52 9.82
CA PHE A 312 28.14 -2.05 10.81
C PHE A 312 26.70 -2.02 10.29
N TYR A 313 26.30 -0.90 9.69
CA TYR A 313 24.90 -0.71 9.31
C TYR A 313 24.56 -1.30 7.94
N SER A 314 25.53 -1.88 7.23
CA SER A 314 25.22 -2.65 6.03
C SER A 314 24.54 -3.98 6.34
N TYR A 315 24.56 -4.41 7.59
CA TYR A 315 23.97 -5.68 8.03
C TYR A 315 22.99 -5.45 9.17
N THR A 316 22.27 -4.34 9.13
CA THR A 316 21.43 -3.90 10.24
C THR A 316 19.98 -3.77 9.80
N LEU A 317 19.07 -4.14 10.69
CA LEU A 317 17.64 -3.95 10.47
C LEU A 317 17.25 -2.51 10.82
N LEU A 318 16.35 -1.95 10.02
CA LEU A 318 15.89 -0.58 10.20
C LEU A 318 17.09 0.37 10.36
N PRO A 319 18.02 0.36 9.41
CA PRO A 319 19.28 1.12 9.62
C PRO A 319 19.06 2.61 9.72
N ALA A 320 18.20 3.19 8.88
CA ALA A 320 18.00 4.63 8.86
C ALA A 320 17.38 5.18 10.13
N GLU A 321 16.96 4.31 11.06
CA GLU A 321 16.40 4.77 12.32
C GLU A 321 17.45 4.98 13.41
N SER A 322 18.73 4.74 13.13
CA SER A 322 19.74 4.96 14.16
C SER A 322 21.11 5.34 13.56
N PHE A 323 21.32 5.09 12.27
CA PHE A 323 22.63 5.37 11.68
C PHE A 323 23.00 6.85 11.80
N PHE A 324 22.11 7.74 11.36
CA PHE A 324 22.43 9.16 11.35
C PHE A 324 22.49 9.73 12.76
N HIS A 325 21.65 9.25 13.67
CA HIS A 325 21.76 9.65 15.08
C HIS A 325 23.14 9.31 15.64
N THR A 326 23.55 8.05 15.48
CA THR A 326 24.80 7.58 16.09
C THR A 326 26.00 8.34 15.54
N VAL A 327 26.07 8.49 14.21
CA VAL A 327 27.19 9.20 13.61
C VAL A 327 27.23 10.65 14.09
N LEU A 328 26.07 11.32 14.06
CA LEU A 328 26.04 12.73 14.45
C LEU A 328 26.51 12.93 15.87
N GLU A 329 26.00 12.12 16.81
CA GLU A 329 26.31 12.32 18.22
C GLU A 329 27.75 12.00 18.57
N ASN A 330 28.45 11.22 17.75
CA ASN A 330 29.84 10.90 18.00
C ASN A 330 30.80 11.62 17.06
N SER A 331 30.30 12.50 16.19
CA SER A 331 31.13 13.21 15.22
C SER A 331 31.50 14.60 15.72
N PRO A 332 32.30 15.36 14.97
CA PRO A 332 32.55 16.76 15.35
C PRO A 332 31.33 17.67 15.25
N HIS A 333 30.23 17.22 14.61
CA HIS A 333 29.03 18.03 14.48
C HIS A 333 28.02 17.77 15.59
N CYS A 334 28.43 17.12 16.68
CA CYS A 334 27.48 16.71 17.71
C CYS A 334 26.71 17.89 18.29
N ASP A 335 27.30 19.08 18.29
CA ASP A 335 26.68 20.24 18.92
C ASP A 335 25.67 20.94 18.02
N THR A 336 25.27 20.34 16.91
CA THR A 336 24.29 20.92 16.00
C THR A 336 22.96 20.16 16.03
N MET A 337 22.78 19.23 16.96
CA MET A 337 21.62 18.35 16.94
C MET A 337 20.46 18.96 17.71
N VAL A 338 19.30 19.03 17.06
CA VAL A 338 18.04 19.39 17.70
C VAL A 338 17.21 18.13 17.82
N ASP A 339 16.69 17.87 19.03
CA ASP A 339 15.89 16.68 19.28
C ASP A 339 14.45 16.92 18.84
N ASN A 340 14.29 17.09 17.52
CA ASN A 340 12.99 17.27 16.92
C ASN A 340 13.10 17.12 15.41
N ASN A 341 12.34 16.20 14.83
CA ASN A 341 12.38 15.97 13.39
C ASN A 341 11.36 16.80 12.63
N LEU A 342 10.64 17.70 13.31
CA LEU A 342 9.67 18.58 12.69
C LEU A 342 8.53 17.82 12.00
N ARG A 343 8.29 16.58 12.42
CA ARG A 343 7.21 15.75 11.89
C ARG A 343 6.19 15.44 12.98
N ILE A 344 4.98 15.14 12.54
CA ILE A 344 3.97 14.50 13.38
C ILE A 344 3.71 13.13 12.79
N THR A 345 4.04 12.09 13.54
CA THR A 345 3.87 10.70 13.11
C THR A 345 2.73 10.09 13.89
N ASN A 346 1.77 9.49 13.17
CA ASN A 346 0.50 9.06 13.76
C ASN A 346 0.59 7.63 14.28
N TRP A 347 1.44 7.44 15.29
CA TRP A 347 1.56 6.14 15.93
C TRP A 347 0.28 5.81 16.71
N ASN A 348 -0.20 4.57 16.54
CA ASN A 348 -1.34 4.04 17.31
C ASN A 348 -1.03 2.56 17.52
N ARG A 349 -0.19 2.28 18.52
CA ARG A 349 0.32 0.94 18.73
C ARG A 349 -0.74 -0.05 19.20
N LYS A 350 -1.98 0.40 19.41
CA LYS A 350 -3.09 -0.51 19.63
C LYS A 350 -3.61 -1.10 18.33
N LEU A 351 -3.21 -0.56 17.18
CA LEU A 351 -3.71 -1.01 15.88
C LEU A 351 -2.58 -1.33 14.92
N GLY A 352 -1.44 -0.66 15.09
CA GLY A 352 -0.37 -0.71 14.12
C GLY A 352 0.78 -1.65 14.42
N CYS A 353 0.69 -2.47 15.45
CA CYS A 353 1.77 -3.39 15.81
C CYS A 353 1.29 -4.84 15.81
N LYS A 354 0.89 -5.34 14.64
CA LYS A 354 0.38 -6.70 14.50
C LYS A 354 1.42 -7.65 13.91
N CYS A 355 2.69 -7.27 13.92
CA CYS A 355 3.75 -8.05 13.28
C CYS A 355 3.35 -8.44 11.86
N GLN A 356 2.95 -7.44 11.10
CA GLN A 356 2.42 -7.65 9.76
C GLN A 356 3.50 -7.85 8.70
N TYR A 357 4.78 -7.76 9.08
CA TYR A 357 5.89 -7.96 8.16
C TYR A 357 6.67 -9.23 8.48
N LYS A 358 6.02 -10.21 9.10
CA LYS A 358 6.71 -11.43 9.51
C LYS A 358 7.21 -12.23 8.31
N HIS A 359 6.53 -12.11 7.17
CA HIS A 359 6.93 -12.84 5.96
C HIS A 359 7.96 -12.09 5.13
N ILE A 360 8.33 -10.87 5.53
CA ILE A 360 9.32 -10.07 4.82
C ILE A 360 10.61 -9.97 5.62
N VAL A 361 10.52 -9.90 6.94
CA VAL A 361 11.69 -9.75 7.80
C VAL A 361 11.56 -10.74 8.95
N ASP A 362 12.72 -11.20 9.44
CA ASP A 362 12.77 -12.09 10.60
C ASP A 362 12.69 -11.28 11.89
N TRP A 363 11.60 -10.54 12.04
CA TRP A 363 11.41 -9.62 13.15
C TRP A 363 9.99 -9.07 13.10
N CYS A 364 9.52 -8.59 14.24
CA CYS A 364 8.21 -7.94 14.34
C CYS A 364 8.37 -6.45 14.53
N GLY A 365 7.49 -5.67 13.90
CA GLY A 365 7.57 -4.22 13.98
C GLY A 365 6.22 -3.52 13.94
N CYS A 366 6.26 -2.19 13.86
CA CYS A 366 5.05 -1.37 13.85
C CYS A 366 5.07 -0.44 12.65
N SER A 367 3.90 0.11 12.33
CA SER A 367 3.75 1.13 11.31
C SER A 367 2.77 2.19 11.80
N PRO A 368 2.92 3.42 11.35
CA PRO A 368 1.95 4.46 11.75
C PRO A 368 0.64 4.34 11.01
N ASN A 369 -0.41 4.86 11.65
CA ASN A 369 -1.76 4.77 11.10
C ASN A 369 -2.03 5.92 10.12
N ASP A 370 -3.17 5.83 9.45
CA ASP A 370 -3.61 6.87 8.53
C ASP A 370 -4.45 7.90 9.25
N PHE A 371 -4.24 9.17 8.93
CA PHE A 371 -5.00 10.24 9.55
C PHE A 371 -6.45 10.23 9.07
N LYS A 372 -7.35 10.64 9.96
CA LYS A 372 -8.78 10.73 9.68
C LYS A 372 -9.24 12.17 9.90
N PRO A 373 -10.47 12.52 9.49
CA PRO A 373 -10.92 13.91 9.67
C PRO A 373 -10.90 14.38 11.12
N GLN A 374 -11.17 13.51 12.09
CA GLN A 374 -11.18 13.93 13.48
C GLN A 374 -9.79 14.31 14.00
N ASP A 375 -8.74 14.11 13.21
CA ASP A 375 -7.38 14.43 13.61
C ASP A 375 -6.93 15.81 13.16
N PHE A 376 -7.79 16.59 12.49
CA PHE A 376 -7.35 17.85 11.89
C PHE A 376 -6.77 18.80 12.93
N HIS A 377 -7.35 18.82 14.13
CA HIS A 377 -6.91 19.78 15.15
C HIS A 377 -5.47 19.52 15.58
N ARG A 378 -4.95 18.30 15.38
CA ARG A 378 -3.59 18.00 15.81
C ARG A 378 -2.56 18.74 14.97
N PHE A 379 -2.90 19.10 13.73
CA PHE A 379 -1.98 19.84 12.88
C PHE A 379 -1.83 21.29 13.30
N GLN A 380 -2.64 21.77 14.25
CA GLN A 380 -2.61 23.15 14.69
C GLN A 380 -1.99 23.32 16.07
N GLN A 381 -1.24 22.33 16.54
CA GLN A 381 -0.58 22.44 17.83
C GLN A 381 0.53 23.48 17.77
N THR A 382 0.76 24.15 18.91
CA THR A 382 1.81 25.14 19.03
C THR A 382 2.84 24.77 20.09
N ALA A 383 2.93 23.48 20.44
CA ALA A 383 3.90 23.05 21.44
C ALA A 383 5.31 23.07 20.86
N ARG A 384 5.48 22.65 19.61
CA ARG A 384 6.78 22.61 18.96
C ARG A 384 6.58 22.89 17.49
N PRO A 385 7.65 23.26 16.77
CA PRO A 385 7.53 23.47 15.33
C PRO A 385 7.43 22.15 14.57
N THR A 386 6.47 22.08 13.66
CA THR A 386 6.27 20.90 12.82
C THR A 386 5.83 21.37 11.44
N PHE A 387 6.34 20.71 10.40
CA PHE A 387 6.07 21.12 9.03
C PHE A 387 5.55 20.01 8.12
N PHE A 388 5.61 18.75 8.54
CA PHE A 388 5.11 17.63 7.75
C PHE A 388 4.44 16.61 8.67
N ALA A 389 3.69 15.68 8.08
CA ALA A 389 3.00 14.65 8.86
C ALA A 389 2.77 13.43 7.99
N ARG A 390 2.54 12.29 8.64
CA ARG A 390 2.27 11.03 7.94
C ARG A 390 1.56 10.09 8.91
N LYS A 391 0.78 9.14 8.37
CA LYS A 391 0.60 8.87 6.95
C LYS A 391 -0.77 9.33 6.44
N PHE A 392 -0.85 9.56 5.13
CA PHE A 392 -2.10 9.84 4.45
C PHE A 392 -2.27 8.86 3.30
N GLU A 393 -3.47 8.26 3.20
CA GLU A 393 -3.80 7.35 2.11
C GLU A 393 -5.16 7.73 1.55
N ALA A 394 -5.19 8.05 0.26
CA ALA A 394 -6.43 8.50 -0.37
C ALA A 394 -7.46 7.39 -0.48
N VAL A 395 -7.03 6.14 -0.67
CA VAL A 395 -7.97 5.03 -0.71
C VAL A 395 -8.53 4.69 0.66
N VAL A 396 -7.96 5.27 1.73
CA VAL A 396 -8.45 5.06 3.09
C VAL A 396 -9.31 6.23 3.53
N ASN A 397 -8.81 7.46 3.40
CA ASN A 397 -9.60 8.65 3.70
C ASN A 397 -8.98 9.85 2.99
N GLN A 398 -9.71 10.41 2.03
CA GLN A 398 -9.25 11.59 1.31
C GLN A 398 -9.78 12.90 1.89
N GLU A 399 -10.83 12.84 2.70
CA GLU A 399 -11.43 14.06 3.23
C GLU A 399 -10.41 14.87 4.02
N ILE A 400 -9.63 14.22 4.88
CA ILE A 400 -8.66 14.94 5.69
C ILE A 400 -7.57 15.55 4.80
N ILE A 401 -7.23 14.89 3.70
CA ILE A 401 -6.25 15.45 2.76
C ILE A 401 -6.78 16.76 2.19
N GLY A 402 -8.05 16.75 1.75
CA GLY A 402 -8.62 17.96 1.18
C GLY A 402 -8.76 19.09 2.19
N GLN A 403 -9.16 18.76 3.42
CA GLN A 403 -9.26 19.78 4.45
C GLN A 403 -7.91 20.43 4.71
N LEU A 404 -6.85 19.62 4.74
CA LEU A 404 -5.52 20.15 5.02
C LEU A 404 -5.01 21.02 3.87
N ASP A 405 -5.26 20.62 2.63
CA ASP A 405 -4.72 21.34 1.49
C ASP A 405 -5.44 22.67 1.29
N TYR A 406 -6.76 22.70 1.47
CA TYR A 406 -7.49 23.95 1.37
C TYR A 406 -7.17 24.88 2.54
N TYR A 407 -6.88 24.32 3.71
CA TYR A 407 -6.51 25.14 4.87
C TYR A 407 -5.17 25.82 4.67
N LEU A 408 -4.27 25.23 3.87
CA LEU A 408 -2.95 25.79 3.66
C LEU A 408 -2.91 26.77 2.49
N TYR A 409 -3.60 26.47 1.39
N TYR A 409 -3.60 26.45 1.40
CA TYR A 409 -3.51 27.28 0.19
CA TYR A 409 -3.52 27.25 0.18
C TYR A 409 -4.87 27.69 -0.36
C TYR A 409 -4.87 27.73 -0.33
N GLY A 410 -5.96 27.46 0.38
CA GLY A 410 -7.27 27.95 0.00
C GLY A 410 -8.06 27.01 -0.89
N ASN A 411 -9.30 27.39 -1.14
CA ASN A 411 -10.20 26.59 -1.94
C ASN A 411 -9.94 26.77 -3.43
N TYR A 412 -10.30 25.76 -4.20
CA TYR A 412 -10.32 25.87 -5.64
C TYR A 412 -11.53 26.69 -6.09
N PRO A 413 -11.48 27.29 -7.28
CA PRO A 413 -12.59 28.12 -7.72
C PRO A 413 -13.89 27.33 -7.82
N ALA A 414 -15.01 28.06 -7.78
CA ALA A 414 -16.32 27.41 -7.86
C ALA A 414 -16.47 26.71 -9.20
N GLY A 415 -17.11 25.53 -9.17
CA GLY A 415 -17.28 24.74 -10.36
C GLY A 415 -16.11 23.85 -10.70
N THR A 416 -15.12 23.74 -9.83
CA THR A 416 -13.98 22.87 -10.08
C THR A 416 -14.42 21.41 -9.97
N PRO A 417 -14.24 20.58 -11.00
CA PRO A 417 -14.72 19.20 -10.93
C PRO A 417 -13.75 18.28 -10.19
N GLY A 418 -14.30 17.15 -9.74
CA GLY A 418 -13.51 16.04 -9.23
C GLY A 418 -12.87 16.25 -7.88
N LEU A 419 -13.22 17.30 -7.14
CA LEU A 419 -12.54 17.57 -5.88
C LEU A 419 -12.83 16.50 -4.84
N ARG A 420 -13.97 15.82 -4.92
CA ARG A 420 -14.35 14.80 -3.96
C ARG A 420 -14.17 13.39 -4.50
N SER A 421 -13.54 13.24 -5.66
CA SER A 421 -13.33 11.93 -6.29
C SER A 421 -11.86 11.51 -6.15
N TYR A 422 -11.61 10.24 -6.44
CA TYR A 422 -10.25 9.72 -6.47
C TYR A 422 -10.17 8.53 -7.42
N TRP A 423 -9.14 8.53 -8.26
CA TRP A 423 -8.87 7.47 -9.22
C TRP A 423 -7.51 6.87 -8.93
N GLU A 424 -7.42 5.53 -8.94
CA GLU A 424 -6.15 4.85 -8.70
C GLU A 424 -6.02 3.68 -9.66
N ASN A 425 -4.96 3.69 -10.46
CA ASN A 425 -4.72 2.67 -11.47
C ASN A 425 -4.18 1.40 -10.80
N VAL A 426 -4.83 0.27 -11.07
CA VAL A 426 -4.42 -1.01 -10.50
C VAL A 426 -3.96 -2.01 -11.55
N TYR A 427 -4.08 -1.70 -12.84
CA TYR A 427 -3.41 -2.47 -13.88
C TYR A 427 -3.18 -1.57 -15.08
N ASP A 428 -1.98 -1.64 -15.64
CA ASP A 428 -1.60 -0.85 -16.80
C ASP A 428 -1.01 -1.77 -17.85
N GLU A 429 -1.52 -1.66 -19.07
CA GLU A 429 -1.15 -2.59 -20.14
C GLU A 429 0.35 -2.82 -20.28
N PRO A 430 1.21 -1.81 -20.20
CA PRO A 430 2.65 -2.06 -20.42
C PRO A 430 3.26 -3.07 -19.46
N ASP A 431 2.59 -3.41 -18.35
CA ASP A 431 3.13 -4.36 -17.39
C ASP A 431 2.76 -5.80 -17.70
N GLY A 432 1.83 -6.04 -18.61
CA GLY A 432 1.60 -7.39 -19.13
C GLY A 432 0.58 -8.17 -18.33
N ILE A 433 -0.18 -9.01 -19.04
CA ILE A 433 -1.22 -9.80 -18.39
C ILE A 433 -0.63 -10.82 -17.44
N HIS A 434 0.65 -11.16 -17.57
CA HIS A 434 1.27 -12.09 -16.63
C HIS A 434 1.52 -11.45 -15.27
N SER A 435 1.43 -10.13 -15.14
CA SER A 435 1.48 -9.51 -13.83
C SER A 435 0.13 -9.54 -13.13
N LEU A 436 -0.95 -9.78 -13.88
CA LEU A 436 -2.24 -10.10 -13.28
C LEU A 436 -2.27 -11.58 -12.89
N SER A 437 -3.34 -11.97 -12.21
CA SER A 437 -3.59 -13.37 -11.90
C SER A 437 -4.70 -13.90 -12.80
N ASP A 438 -4.85 -15.23 -12.81
CA ASP A 438 -5.95 -15.83 -13.55
C ASP A 438 -7.29 -15.34 -13.02
N VAL A 439 -7.36 -15.00 -11.73
CA VAL A 439 -8.60 -14.49 -11.15
C VAL A 439 -8.94 -13.12 -11.72
N THR A 440 -8.05 -12.14 -11.51
CA THR A 440 -8.35 -10.78 -11.95
C THR A 440 -8.50 -10.70 -13.46
N LEU A 441 -7.69 -11.46 -14.19
CA LEU A 441 -7.80 -11.46 -15.65
C LEU A 441 -9.18 -11.94 -16.08
N THR A 442 -9.67 -13.02 -15.45
CA THR A 442 -11.00 -13.52 -15.78
C THR A 442 -12.07 -12.48 -15.52
N LEU A 443 -12.02 -11.82 -14.36
CA LEU A 443 -13.10 -10.94 -13.95
C LEU A 443 -13.05 -9.59 -14.67
N TYR A 444 -11.86 -9.05 -14.89
CA TYR A 444 -11.76 -7.82 -15.69
C TYR A 444 -12.32 -8.04 -17.09
N HIS A 445 -12.08 -9.21 -17.68
CA HIS A 445 -12.68 -9.55 -18.97
C HIS A 445 -14.20 -9.55 -18.87
N SER A 446 -14.74 -10.14 -17.80
CA SER A 446 -16.19 -10.22 -17.64
C SER A 446 -16.80 -8.84 -17.49
N PHE A 447 -16.13 -7.94 -16.77
CA PHE A 447 -16.64 -6.58 -16.59
C PHE A 447 -16.75 -5.86 -17.92
N ALA A 448 -15.76 -6.06 -18.81
CA ALA A 448 -15.80 -5.42 -20.12
C ALA A 448 -16.98 -5.93 -20.94
N ARG A 449 -17.23 -7.24 -20.92
CA ARG A 449 -18.39 -7.78 -21.63
C ARG A 449 -19.69 -7.30 -21.02
N LEU A 450 -19.73 -7.10 -19.70
CA LEU A 450 -20.92 -6.56 -19.07
C LEU A 450 -21.19 -5.13 -19.52
N GLY A 451 -20.13 -4.38 -19.87
CA GLY A 451 -20.32 -3.04 -20.39
C GLY A 451 -20.80 -3.05 -21.83
N LEU A 452 -20.29 -3.97 -22.64
CA LEU A 452 -20.74 -4.06 -24.03
C LEU A 452 -22.22 -4.38 -24.11
N ARG A 453 -22.72 -5.24 -23.21
CA ARG A 453 -24.13 -5.56 -23.20
C ARG A 453 -24.99 -4.38 -22.78
N ARG A 454 -24.43 -3.47 -21.97
CA ARG A 454 -25.18 -2.26 -21.62
C ARG A 454 -25.31 -1.32 -22.81
N ALA A 455 -24.23 -1.16 -23.59
CA ALA A 455 -24.30 -0.31 -24.78
C ALA A 455 -25.38 -0.80 -25.73
N GLU A 456 -25.46 -2.11 -25.93
CA GLU A 456 -26.42 -2.66 -26.88
C GLU A 456 -27.86 -2.40 -26.44
N THR A 457 -28.16 -2.69 -25.17
CA THR A 457 -29.52 -2.52 -24.66
C THR A 457 -29.90 -1.06 -24.44
N SER A 458 -28.92 -0.14 -24.43
CA SER A 458 -29.23 1.26 -24.18
C SER A 458 -29.88 1.91 -25.39
N LEU A 459 -29.59 1.43 -26.59
CA LEU A 459 -30.16 2.01 -27.81
C LEU A 459 -31.45 1.29 -28.17
N HIS A 460 -32.52 2.05 -28.33
CA HIS A 460 -33.84 1.51 -28.63
C HIS A 460 -34.18 1.85 -30.08
N THR A 461 -34.21 0.81 -30.93
CA THR A 461 -34.44 0.99 -32.35
C THR A 461 -35.00 -0.30 -32.92
N ASP A 462 -35.66 -0.19 -34.07
CA ASP A 462 -36.17 -1.33 -34.80
C ASP A 462 -35.34 -1.66 -36.02
N GLY A 463 -34.27 -0.91 -36.28
CA GLY A 463 -33.38 -1.19 -37.38
C GLY A 463 -32.06 -1.77 -36.90
N GLU A 464 -30.98 -1.52 -37.64
CA GLU A 464 -29.67 -2.01 -37.24
C GLU A 464 -29.22 -1.32 -35.97
N ASN A 465 -28.82 -2.11 -34.98
CA ASN A 465 -28.33 -1.58 -33.72
C ASN A 465 -26.88 -1.14 -33.91
N SER A 466 -26.65 0.17 -33.86
CA SER A 466 -25.31 0.72 -34.03
C SER A 466 -24.54 0.82 -32.71
N CYS A 467 -24.95 0.06 -31.70
CA CYS A 467 -24.22 -0.01 -30.44
C CYS A 467 -23.89 -1.45 -30.06
N ARG A 468 -23.85 -2.36 -31.04
CA ARG A 468 -23.43 -3.73 -30.82
C ARG A 468 -21.93 -3.84 -31.04
N TYR A 469 -21.24 -4.46 -30.09
CA TYR A 469 -19.78 -4.53 -30.10
C TYR A 469 -19.32 -5.98 -29.96
N TYR A 470 -18.08 -6.22 -30.38
CA TYR A 470 -17.43 -7.51 -30.23
C TYR A 470 -16.08 -7.27 -29.54
N PRO A 471 -15.80 -7.92 -28.41
CA PRO A 471 -14.57 -7.59 -27.68
C PRO A 471 -13.31 -8.02 -28.43
N MET A 472 -12.21 -7.32 -28.14
CA MET A 472 -10.94 -7.57 -28.79
C MET A 472 -9.81 -7.47 -27.77
N GLY A 473 -8.95 -8.48 -27.72
CA GLY A 473 -7.75 -8.39 -26.91
C GLY A 473 -8.02 -8.40 -25.42
N HIS A 474 -7.08 -7.82 -24.67
CA HIS A 474 -7.15 -7.78 -23.22
C HIS A 474 -7.36 -6.36 -22.72
N PRO A 475 -7.81 -6.19 -21.48
CA PRO A 475 -7.99 -4.83 -20.94
C PRO A 475 -6.71 -4.02 -21.05
N ALA A 476 -6.86 -2.72 -21.32
CA ALA A 476 -5.74 -1.82 -21.43
C ALA A 476 -5.38 -1.16 -20.11
N SER A 477 -6.35 -0.99 -19.21
CA SER A 477 -6.07 -0.47 -17.88
C SER A 477 -7.31 -0.66 -17.01
N VAL A 478 -7.08 -0.66 -15.70
CA VAL A 478 -8.15 -0.75 -14.72
C VAL A 478 -7.87 0.26 -13.62
N HIS A 479 -8.92 0.95 -13.16
CA HIS A 479 -8.82 1.92 -12.07
C HIS A 479 -9.80 1.56 -10.96
N LEU A 480 -9.40 1.81 -9.72
CA LEU A 480 -10.36 1.95 -8.64
C LEU A 480 -10.97 3.35 -8.71
N TYR A 481 -12.21 3.47 -8.23
CA TYR A 481 -12.96 4.73 -8.33
C TYR A 481 -13.65 5.00 -7.00
N PHE A 482 -13.32 6.13 -6.38
CA PHE A 482 -13.90 6.53 -5.11
C PHE A 482 -14.60 7.88 -5.26
N LEU A 483 -15.67 8.06 -4.50
CA LEU A 483 -16.41 9.32 -4.46
C LEU A 483 -16.82 9.58 -3.02
N ALA A 484 -16.32 10.69 -2.45
CA ALA A 484 -16.62 11.05 -1.06
C ALA A 484 -16.25 9.91 -0.12
N ASP A 485 -15.12 9.26 -0.38
CA ASP A 485 -14.60 8.19 0.47
C ASP A 485 -15.54 6.98 0.49
N ARG A 486 -16.24 6.74 -0.62
CA ARG A 486 -17.04 5.54 -0.80
C ARG A 486 -16.59 4.83 -2.07
N PHE A 487 -16.24 3.55 -1.93
CA PHE A 487 -15.81 2.78 -3.10
C PHE A 487 -16.96 2.66 -4.10
N GLN A 488 -16.69 3.05 -5.34
CA GLN A 488 -17.70 3.06 -6.39
C GLN A 488 -17.58 1.89 -7.36
N GLY A 489 -16.43 1.24 -7.42
CA GLY A 489 -16.23 0.10 -8.31
C GLY A 489 -15.00 0.21 -9.18
N PHE A 490 -15.03 -0.46 -10.33
CA PHE A 490 -13.89 -0.51 -11.24
C PHE A 490 -14.20 0.22 -12.54
N LEU A 491 -13.16 0.82 -13.11
CA LEU A 491 -13.21 1.41 -14.44
C LEU A 491 -12.28 0.64 -15.35
N ILE A 492 -12.83 0.03 -16.40
CA ILE A 492 -12.07 -0.82 -17.31
C ILE A 492 -12.04 -0.15 -18.67
N LYS A 493 -10.84 0.12 -19.19
CA LYS A 493 -10.65 0.60 -20.55
C LYS A 493 -10.33 -0.59 -21.44
N HIS A 494 -11.04 -0.71 -22.56
CA HIS A 494 -10.92 -1.88 -23.41
C HIS A 494 -11.22 -1.52 -24.85
N HIS A 495 -10.81 -2.41 -25.76
CA HIS A 495 -11.00 -2.23 -27.19
C HIS A 495 -12.09 -3.17 -27.68
N ALA A 496 -12.84 -2.71 -28.67
CA ALA A 496 -13.95 -3.49 -29.21
C ALA A 496 -14.27 -2.99 -30.61
N THR A 497 -14.87 -3.87 -31.40
CA THR A 497 -15.26 -3.56 -32.77
C THR A 497 -16.75 -3.20 -32.80
N ASN A 498 -17.05 -2.01 -33.29
CA ASN A 498 -18.44 -1.65 -33.56
C ASN A 498 -18.92 -2.40 -34.80
N LEU A 499 -19.91 -3.28 -34.62
CA LEU A 499 -20.27 -4.23 -35.68
C LEU A 499 -21.05 -3.59 -36.82
N ALA A 500 -21.74 -2.47 -36.58
CA ALA A 500 -22.50 -1.84 -37.65
C ALA A 500 -21.58 -1.22 -38.70
N VAL A 501 -20.55 -0.51 -38.25
CA VAL A 501 -19.59 0.10 -39.17
C VAL A 501 -18.31 -0.71 -39.31
N SER A 502 -18.10 -1.72 -38.48
CA SER A 502 -16.95 -2.62 -38.59
C SER A 502 -15.64 -1.90 -38.32
N LYS A 503 -15.63 -1.06 -37.28
CA LYS A 503 -14.47 -0.27 -36.91
C LYS A 503 -14.15 -0.48 -35.44
N LEU A 504 -12.87 -0.37 -35.12
CA LEU A 504 -12.37 -0.60 -33.77
C LEU A 504 -12.48 0.66 -32.94
N GLU A 505 -12.93 0.51 -31.69
CA GLU A 505 -13.16 1.64 -30.80
C GLU A 505 -12.54 1.37 -29.44
N THR A 506 -12.21 2.44 -28.72
CA THR A 506 -11.68 2.36 -27.36
C THR A 506 -12.71 2.93 -26.39
N LEU A 507 -13.06 2.13 -25.38
CA LEU A 507 -14.15 2.45 -24.48
C LEU A 507 -13.69 2.29 -23.04
N GLU A 508 -14.46 2.86 -22.11
CA GLU A 508 -14.23 2.66 -20.69
C GLU A 508 -15.56 2.37 -20.00
N THR A 509 -15.59 1.30 -19.21
CA THR A 509 -16.81 0.85 -18.53
C THR A 509 -16.67 1.00 -17.03
N TRP A 510 -17.75 1.45 -16.39
CA TRP A 510 -17.83 1.58 -14.94
C TRP A 510 -18.76 0.50 -14.41
N VAL A 511 -18.23 -0.39 -13.57
CA VAL A 511 -19.01 -1.44 -12.93
C VAL A 511 -19.00 -1.22 -11.43
N MET A 512 -20.16 -1.40 -10.80
CA MET A 512 -20.35 -1.21 -9.37
C MET A 512 -20.97 -2.45 -8.76
N PRO A 513 -20.50 -2.89 -7.59
CA PRO A 513 -21.08 -4.09 -6.97
C PRO A 513 -22.44 -3.80 -6.34
N LYS A 514 -23.32 -4.78 -6.43
CA LYS A 514 -24.65 -4.67 -5.84
C LYS A 514 -24.58 -4.91 -4.35
N LYS A 515 -25.45 -4.22 -3.61
CA LYS A 515 -25.53 -4.42 -2.17
C LYS A 515 -26.02 -5.83 -1.88
N VAL A 516 -25.39 -6.45 -0.88
CA VAL A 516 -25.72 -7.82 -0.50
C VAL A 516 -25.91 -7.99 1.00
N PHE A 517 -25.50 -7.02 1.81
CA PHE A 517 -25.69 -7.09 3.25
C PHE A 517 -27.15 -6.79 3.59
N LYS A 518 -27.76 -7.63 4.41
CA LYS A 518 -29.15 -7.49 4.78
C LYS A 518 -29.33 -7.85 6.24
N ILE A 519 -30.01 -6.99 6.98
CA ILE A 519 -30.32 -7.22 8.39
C ILE A 519 -31.74 -7.77 8.49
N ALA A 520 -31.93 -8.66 9.46
CA ALA A 520 -33.25 -9.27 9.68
C ALA A 520 -34.09 -8.39 10.61
N ASP A 525 -35.78 -5.64 18.60
CA ASP A 525 -34.48 -6.28 18.79
C ASP A 525 -33.38 -5.46 18.14
N PHE A 526 -32.76 -4.58 18.92
CA PHE A 526 -31.69 -3.71 18.45
C PHE A 526 -30.35 -4.31 18.87
N GLY A 527 -29.72 -5.04 17.96
CA GLY A 527 -28.44 -5.68 18.24
C GLY A 527 -27.29 -4.71 18.06
N ARG A 528 -26.08 -5.28 18.12
CA ARG A 528 -24.85 -4.51 18.00
C ARG A 528 -24.23 -4.58 16.61
N LEU A 529 -24.73 -5.45 15.73
CA LEU A 529 -24.10 -5.63 14.42
C LEU A 529 -24.40 -4.45 13.53
N GLN A 530 -23.37 -3.97 12.84
CA GLN A 530 -23.48 -2.86 11.90
C GLN A 530 -23.19 -3.25 10.47
N PHE A 531 -22.31 -4.21 10.23
CA PHE A 531 -21.95 -4.61 8.87
C PHE A 531 -21.22 -5.94 8.93
N SER A 532 -21.24 -6.64 7.80
CA SER A 532 -20.53 -7.90 7.65
C SER A 532 -20.08 -8.03 6.20
N GLU A 533 -18.91 -8.62 6.00
CA GLU A 533 -18.32 -8.68 4.67
C GLU A 533 -17.35 -9.85 4.60
N VAL A 534 -17.10 -10.31 3.37
CA VAL A 534 -16.17 -11.40 3.11
C VAL A 534 -15.15 -10.90 2.09
N GLY A 535 -13.88 -11.22 2.34
CA GLY A 535 -12.83 -10.80 1.43
C GLY A 535 -11.52 -11.48 1.73
N THR A 536 -10.44 -10.91 1.19
CA THR A 536 -9.10 -11.40 1.41
C THR A 536 -8.17 -10.21 1.61
N ASP A 537 -6.95 -10.50 2.09
CA ASP A 537 -5.95 -9.47 2.36
C ASP A 537 -6.51 -8.43 3.33
N TRP A 538 -6.79 -8.90 4.55
CA TRP A 538 -7.34 -8.05 5.59
C TRP A 538 -6.23 -7.22 6.23
N ASP A 539 -6.41 -5.90 6.23
CA ASP A 539 -5.45 -4.97 6.82
C ASP A 539 -5.91 -4.66 8.24
N ALA A 540 -5.17 -5.17 9.22
CA ALA A 540 -5.58 -5.03 10.61
C ALA A 540 -5.37 -3.62 11.12
N LYS A 541 -4.32 -2.93 10.64
CA LYS A 541 -4.04 -1.58 11.10
C LYS A 541 -5.15 -0.61 10.70
N GLU A 542 -5.61 -0.71 9.45
CA GLU A 542 -6.65 0.19 8.94
C GLU A 542 -8.05 -0.43 8.97
N ARG A 543 -8.17 -1.70 9.34
CA ARG A 543 -9.47 -2.36 9.49
C ARG A 543 -10.27 -2.30 8.18
N LEU A 544 -9.70 -2.92 7.14
CA LEU A 544 -10.40 -3.02 5.87
C LEU A 544 -9.70 -4.06 5.00
N PHE A 545 -10.40 -4.49 3.96
CA PHE A 545 -9.85 -5.41 2.97
C PHE A 545 -9.14 -4.61 1.89
N ARG A 546 -7.89 -4.99 1.60
CA ARG A 546 -7.15 -4.34 0.51
C ARG A 546 -7.56 -4.87 -0.85
N ASN A 547 -8.13 -6.07 -0.92
CA ASN A 547 -8.80 -6.56 -2.12
C ASN A 547 -10.15 -5.86 -2.22
N PHE A 548 -10.10 -4.63 -2.77
CA PHE A 548 -11.26 -3.73 -2.68
C PHE A 548 -12.48 -4.32 -3.38
N GLY A 549 -12.28 -5.03 -4.48
CA GLY A 549 -13.42 -5.56 -5.23
C GLY A 549 -14.00 -6.85 -4.68
N GLY A 550 -13.30 -7.50 -3.76
CA GLY A 550 -13.75 -8.80 -3.29
C GLY A 550 -13.64 -9.87 -4.36
N LEU A 551 -12.70 -9.74 -5.29
CA LEU A 551 -12.56 -10.69 -6.37
C LEU A 551 -11.95 -11.98 -5.84
N LEU A 552 -12.59 -13.11 -6.14
CA LEU A 552 -12.21 -14.40 -5.57
C LEU A 552 -12.33 -15.50 -6.61
N GLY A 553 -11.42 -16.45 -6.54
CA GLY A 553 -11.43 -17.62 -7.39
C GLY A 553 -11.54 -18.90 -6.58
N PRO A 554 -11.56 -20.04 -7.27
CA PRO A 554 -11.79 -21.32 -6.56
C PRO A 554 -10.71 -21.66 -5.55
N MET A 555 -9.47 -21.24 -5.76
CA MET A 555 -8.37 -21.58 -4.87
C MET A 555 -8.09 -20.49 -3.85
N ASP A 556 -9.05 -19.61 -3.59
CA ASP A 556 -8.88 -18.57 -2.59
C ASP A 556 -9.40 -19.04 -1.24
N GLU A 557 -8.89 -18.38 -0.18
CA GLU A 557 -9.23 -18.71 1.21
C GLU A 557 -9.92 -17.50 1.82
N PRO A 558 -11.24 -17.39 1.72
CA PRO A 558 -11.91 -16.15 2.13
C PRO A 558 -11.95 -15.96 3.64
N VAL A 559 -12.02 -14.69 4.04
CA VAL A 559 -12.07 -14.29 5.44
C VAL A 559 -13.39 -13.58 5.69
N GLY A 560 -14.05 -13.91 6.80
CA GLY A 560 -15.28 -13.27 7.20
C GLY A 560 -15.03 -12.21 8.27
N MET A 561 -15.66 -11.04 8.10
CA MET A 561 -15.47 -9.92 8.99
C MET A 561 -16.82 -9.40 9.48
N GLN A 562 -16.85 -8.96 10.73
CA GLN A 562 -18.04 -8.35 11.31
C GLN A 562 -17.65 -7.06 12.02
N LYS A 563 -18.49 -6.03 11.87
CA LYS A 563 -18.29 -4.73 12.51
C LYS A 563 -19.41 -4.50 13.51
N TRP A 564 -19.04 -4.09 14.72
CA TRP A 564 -19.98 -4.00 15.83
C TRP A 564 -19.97 -2.61 16.44
N GLY A 565 -21.08 -2.28 17.10
CA GLY A 565 -21.20 -1.06 17.86
C GLY A 565 -21.16 -1.32 19.35
N LYS A 566 -21.24 -0.23 20.11
CA LYS A 566 -21.14 -0.31 21.55
C LYS A 566 -22.34 -1.07 22.14
N GLY A 567 -22.08 -1.79 23.23
CA GLY A 567 -23.10 -2.54 23.91
C GLY A 567 -22.53 -3.67 24.75
N PRO A 568 -23.35 -4.27 25.60
CA PRO A 568 -22.87 -5.40 26.41
C PRO A 568 -22.40 -6.56 25.54
N ASN A 569 -21.60 -7.43 26.14
CA ASN A 569 -21.04 -8.55 25.41
C ASN A 569 -22.13 -9.53 25.00
N VAL A 570 -21.91 -10.18 23.85
CA VAL A 570 -22.87 -11.11 23.27
C VAL A 570 -22.12 -12.19 22.50
N THR A 571 -22.78 -13.33 22.32
CA THR A 571 -22.24 -14.45 21.56
C THR A 571 -23.16 -14.73 20.38
N VAL A 572 -22.57 -14.89 19.20
CA VAL A 572 -23.33 -15.09 17.97
C VAL A 572 -22.78 -16.31 17.24
N THR A 573 -23.54 -16.75 16.23
CA THR A 573 -23.21 -17.94 15.45
C THR A 573 -23.06 -17.56 13.99
N VAL A 574 -21.98 -18.01 13.36
CA VAL A 574 -21.69 -17.75 11.96
C VAL A 574 -21.83 -19.06 11.18
N ILE A 575 -22.37 -18.96 9.97
CA ILE A 575 -22.63 -20.13 9.13
C ILE A 575 -22.25 -19.78 7.69
N TRP A 576 -21.50 -20.67 7.04
CA TRP A 576 -21.09 -20.50 5.65
C TRP A 576 -21.83 -21.52 4.79
N VAL A 577 -22.39 -21.06 3.67
CA VAL A 577 -23.20 -21.90 2.79
C VAL A 577 -22.69 -21.75 1.37
N ASP A 578 -22.56 -22.88 0.65
CA ASP A 578 -22.01 -22.85 -0.70
C ASP A 578 -23.14 -22.78 -1.73
N PRO A 579 -22.82 -22.68 -3.02
CA PRO A 579 -23.86 -22.37 -4.01
C PRO A 579 -24.94 -23.43 -4.15
N VAL A 580 -24.73 -24.66 -3.66
CA VAL A 580 -25.77 -25.69 -3.73
C VAL A 580 -26.18 -26.09 -2.32
N ASN A 581 -26.13 -25.13 -1.40
CA ASN A 581 -26.67 -25.26 -0.05
C ASN A 581 -25.87 -26.22 0.84
N VAL A 582 -24.63 -26.54 0.48
CA VAL A 582 -23.77 -27.33 1.36
C VAL A 582 -23.25 -26.41 2.47
N ILE A 583 -23.43 -26.84 3.71
CA ILE A 583 -22.99 -26.07 4.87
C ILE A 583 -21.53 -26.42 5.14
N ALA A 584 -20.64 -25.46 4.89
CA ALA A 584 -19.21 -25.72 4.95
C ALA A 584 -18.60 -25.52 6.33
N ALA A 585 -19.18 -24.64 7.16
CA ALA A 585 -18.59 -24.38 8.46
C ALA A 585 -19.59 -23.67 9.36
N THR A 586 -19.46 -23.92 10.66
CA THR A 586 -20.26 -23.26 11.68
C THR A 586 -19.39 -23.05 12.92
N TYR A 587 -19.52 -21.88 13.53
CA TYR A 587 -18.77 -21.59 14.74
C TYR A 587 -19.40 -20.41 15.46
N ASP A 588 -19.19 -20.36 16.78
CA ASP A 588 -19.66 -19.27 17.61
C ASP A 588 -18.49 -18.37 17.99
N ILE A 589 -18.79 -17.08 18.17
CA ILE A 589 -17.78 -16.07 18.45
C ILE A 589 -18.29 -15.14 19.53
N LEU A 590 -17.40 -14.72 20.42
CA LEU A 590 -17.76 -13.85 21.54
C LEU A 590 -17.48 -12.40 21.14
N ILE A 591 -18.51 -11.56 21.24
CA ILE A 591 -18.37 -10.13 20.95
C ILE A 591 -18.28 -9.42 22.29
N GLU A 592 -17.06 -9.03 22.67
CA GLU A 592 -16.86 -8.32 23.92
C GLU A 592 -17.36 -6.88 23.80
N SER A 593 -17.70 -6.30 24.96
CA SER A 593 -18.31 -4.98 24.98
C SER A 593 -17.40 -3.90 24.38
N THR A 594 -16.08 -4.16 24.31
CA THR A 594 -15.15 -3.21 23.73
C THR A 594 -14.78 -3.53 22.30
N ALA A 595 -15.23 -4.65 21.76
CA ALA A 595 -14.87 -5.03 20.41
C ALA A 595 -15.54 -4.14 19.38
N GLU A 596 -14.82 -3.84 18.30
CA GLU A 596 -15.34 -3.06 17.18
C GLU A 596 -15.30 -3.80 15.86
N PHE A 597 -14.32 -4.67 15.65
CA PHE A 597 -14.24 -5.52 14.46
C PHE A 597 -13.83 -6.91 14.88
N THR A 598 -14.41 -7.93 14.24
CA THR A 598 -14.01 -9.30 14.43
C THR A 598 -13.87 -9.95 13.05
N HIS A 599 -12.94 -10.90 12.95
CA HIS A 599 -12.74 -11.60 11.69
C HIS A 599 -12.21 -12.99 11.97
N TYR A 600 -12.35 -13.86 10.97
CA TYR A 600 -11.90 -15.24 11.10
C TYR A 600 -11.84 -15.86 9.71
N LYS A 601 -10.88 -16.76 9.51
CA LYS A 601 -10.68 -17.44 8.23
C LYS A 601 -10.91 -18.94 8.41
N PRO A 602 -12.08 -19.46 8.07
CA PRO A 602 -12.34 -20.89 8.30
C PRO A 602 -11.46 -21.75 7.42
N PRO A 603 -10.99 -22.91 7.94
CA PRO A 603 -10.17 -23.80 7.13
C PRO A 603 -11.00 -24.62 6.16
N LEU A 604 -11.15 -24.12 4.93
CA LEU A 604 -11.99 -24.76 3.92
C LEU A 604 -11.12 -25.52 2.93
N ASN A 605 -11.46 -26.79 2.72
CA ASN A 605 -10.78 -27.59 1.71
C ASN A 605 -11.01 -26.97 0.33
N LEU A 606 -9.97 -26.98 -0.49
CA LEU A 606 -10.00 -26.37 -1.81
C LEU A 606 -10.09 -27.44 -2.89
N PRO A 607 -10.60 -27.09 -4.09
CA PRO A 607 -11.14 -25.77 -4.46
C PRO A 607 -12.57 -25.55 -3.98
N LEU A 608 -12.95 -24.29 -3.81
CA LEU A 608 -14.31 -23.95 -3.45
C LEU A 608 -15.23 -24.09 -4.65
N ARG A 609 -16.42 -24.62 -4.43
CA ARG A 609 -17.40 -24.75 -5.50
C ARG A 609 -17.74 -23.36 -6.03
N PRO A 610 -17.61 -23.11 -7.34
CA PRO A 610 -17.91 -21.77 -7.85
C PRO A 610 -19.39 -21.44 -7.75
N GLY A 611 -19.69 -20.15 -7.67
CA GLY A 611 -21.04 -19.65 -7.56
C GLY A 611 -21.16 -18.62 -6.47
N VAL A 612 -22.39 -18.33 -6.08
CA VAL A 612 -22.67 -17.32 -5.06
C VAL A 612 -22.80 -18.03 -3.71
N TRP A 613 -21.88 -17.71 -2.80
CA TRP A 613 -21.93 -18.21 -1.43
C TRP A 613 -22.73 -17.27 -0.55
N THR A 614 -23.19 -17.81 0.59
CA THR A 614 -23.93 -17.04 1.58
C THR A 614 -23.29 -17.23 2.94
N VAL A 615 -23.27 -16.15 3.73
CA VAL A 615 -22.79 -16.19 5.11
C VAL A 615 -23.89 -15.61 6.00
N LYS A 616 -24.33 -16.40 6.97
CA LYS A 616 -25.40 -16.02 7.87
C LYS A 616 -24.86 -15.80 9.28
N ILE A 617 -25.49 -14.88 10.00
CA ILE A 617 -25.20 -14.63 11.41
C ILE A 617 -26.49 -14.83 12.18
N LEU A 618 -26.45 -15.72 13.18
CA LEU A 618 -27.59 -16.02 14.01
C LEU A 618 -27.27 -15.66 15.46
N HIS A 619 -28.33 -15.46 16.25
CA HIS A 619 -28.22 -15.22 17.69
C HIS A 619 -29.20 -16.17 18.37
N HIS A 620 -28.70 -17.34 18.77
CA HIS A 620 -29.53 -18.39 19.36
C HIS A 620 -30.69 -18.74 18.42
N TRP A 621 -30.33 -19.08 17.19
CA TRP A 621 -31.24 -19.47 16.11
C TRP A 621 -32.11 -18.33 15.62
N VAL A 622 -32.04 -17.15 16.21
CA VAL A 622 -32.78 -15.99 15.72
C VAL A 622 -31.97 -15.35 14.60
N PRO A 623 -32.51 -15.24 13.39
CA PRO A 623 -31.75 -14.59 12.30
C PRO A 623 -31.37 -13.17 12.67
N VAL A 624 -30.16 -12.78 12.27
CA VAL A 624 -29.64 -11.44 12.55
C VAL A 624 -29.39 -10.73 11.23
N ALA A 625 -28.49 -11.27 10.41
CA ALA A 625 -28.13 -10.66 9.14
C ALA A 625 -27.55 -11.73 8.23
N GLU A 626 -27.25 -11.33 6.99
CA GLU A 626 -26.59 -12.21 6.05
C GLU A 626 -25.89 -11.36 5.00
N THR A 627 -24.93 -11.98 4.32
CA THR A 627 -24.24 -11.34 3.21
C THR A 627 -23.83 -12.42 2.22
N LYS A 628 -23.47 -12.00 1.01
CA LYS A 628 -23.12 -12.93 -0.06
C LYS A 628 -21.80 -12.51 -0.68
N PHE A 629 -21.12 -13.48 -1.28
CA PHE A 629 -19.90 -13.21 -2.03
C PHE A 629 -19.80 -14.20 -3.18
N LEU A 630 -18.99 -13.85 -4.17
CA LEU A 630 -18.88 -14.60 -5.41
C LEU A 630 -17.54 -15.33 -5.47
N VAL A 631 -17.59 -16.64 -5.70
CA VAL A 631 -16.44 -17.43 -6.08
C VAL A 631 -16.57 -17.69 -7.57
N ALA A 632 -15.82 -16.96 -8.37
CA ALA A 632 -16.01 -17.00 -9.81
C ALA A 632 -15.26 -18.18 -10.42
N PRO A 633 -15.84 -18.84 -11.42
CA PRO A 633 -15.05 -19.79 -12.21
C PRO A 633 -14.09 -19.05 -13.12
N LEU A 634 -12.96 -19.69 -13.41
CA LEU A 634 -11.89 -19.08 -14.17
C LEU A 634 -11.93 -19.53 -15.62
N THR A 635 -11.78 -18.57 -16.54
CA THR A 635 -11.69 -18.84 -17.96
C THR A 635 -10.25 -18.88 -18.46
N PHE A 636 -9.28 -18.68 -17.58
CA PHE A 636 -7.87 -18.63 -17.96
C PHE A 636 -7.06 -19.54 -17.04
N SER A 637 -6.04 -20.18 -17.62
CA SER A 637 -5.06 -20.96 -16.87
C SER A 637 -3.69 -20.56 -17.37
N ASN A 638 -2.89 -19.95 -16.49
CA ASN A 638 -1.60 -19.38 -16.89
C ASN A 638 -1.78 -18.39 -18.04
N ARG A 639 -2.81 -17.58 -17.95
CA ARG A 639 -3.17 -16.54 -18.92
C ARG A 639 -3.58 -17.11 -20.27
N GLN A 640 -3.84 -18.41 -20.35
CA GLN A 640 -4.33 -19.04 -21.57
C GLN A 640 -5.71 -19.65 -21.33
N PRO A 641 -6.53 -19.78 -22.37
CA PRO A 641 -7.87 -20.36 -22.18
C PRO A 641 -7.80 -21.72 -21.48
N ILE A 642 -8.69 -21.90 -20.50
CA ILE A 642 -8.64 -23.11 -19.67
C ILE A 642 -9.14 -24.30 -20.46
N LYS A 643 -8.49 -25.44 -20.29
CA LYS A 643 -8.82 -26.66 -21.00
C LYS A 643 -9.82 -27.50 -20.20
N PRO A 644 -10.53 -28.41 -20.86
CA PRO A 644 -11.54 -29.21 -20.14
C PRO A 644 -10.97 -29.95 -18.95
N GLU A 645 -9.88 -30.70 -19.12
CA GLU A 645 -9.27 -31.41 -18.00
C GLU A 645 -8.92 -30.45 -16.86
N GLU A 646 -8.55 -29.21 -17.18
CA GLU A 646 -8.23 -28.24 -16.15
C GLU A 646 -9.50 -27.73 -15.48
N ALA A 647 -10.51 -27.35 -16.28
CA ALA A 647 -11.76 -26.84 -15.72
C ALA A 647 -12.42 -27.88 -14.83
N LEU A 648 -12.35 -29.15 -15.20
CA LEU A 648 -12.99 -30.21 -14.41
C LEU A 648 -12.44 -30.25 -12.99
N LYS A 649 -11.11 -30.26 -12.85
CA LYS A 649 -10.50 -30.36 -11.54
C LYS A 649 -10.69 -29.10 -10.70
N LEU A 650 -10.99 -27.97 -11.33
CA LEU A 650 -11.02 -26.69 -10.62
C LEU A 650 -12.42 -26.25 -10.21
N HIS A 651 -13.46 -26.68 -10.92
CA HIS A 651 -14.80 -26.12 -10.74
C HIS A 651 -15.80 -27.13 -10.18
N ASN A 652 -15.34 -28.28 -9.66
CA ASN A 652 -16.23 -29.33 -9.21
C ASN A 652 -16.21 -29.51 -7.70
N GLY A 653 -15.68 -28.54 -6.96
CA GLY A 653 -15.73 -28.59 -5.52
C GLY A 653 -14.48 -29.19 -4.89
N PRO A 654 -14.50 -29.35 -3.57
CA PRO A 654 -13.27 -29.77 -2.86
C PRO A 654 -12.81 -31.15 -3.30
N LEU A 655 -11.48 -31.33 -3.34
CA LEU A 655 -10.90 -32.60 -3.71
C LEU A 655 -11.20 -33.70 -2.68
N ARG A 656 -11.52 -33.32 -1.45
CA ARG A 656 -11.80 -34.29 -0.39
C ARG A 656 -13.30 -34.55 -0.23
N ASN A 657 -14.12 -34.15 -1.21
CA ASN A 657 -15.57 -34.35 -1.21
C ASN A 657 -16.28 -33.50 -0.17
N ALA A 658 -15.56 -32.72 0.64
CA ALA A 658 -16.17 -31.89 1.67
C ALA A 658 -15.20 -30.79 2.05
N TYR A 659 -15.73 -29.76 2.71
CA TYR A 659 -14.94 -28.59 3.04
C TYR A 659 -14.17 -28.73 4.35
N MET A 660 -14.70 -29.49 5.31
CA MET A 660 -14.01 -29.74 6.57
C MET A 660 -14.25 -31.18 6.98
N GLU A 661 -13.41 -31.65 7.91
CA GLU A 661 -13.61 -32.99 8.46
C GLU A 661 -14.97 -33.11 9.14
N GLN A 662 -15.31 -32.10 9.95
CA GLN A 662 -16.61 -32.08 10.60
C GLN A 662 -17.70 -31.79 9.58
N SER A 663 -18.80 -32.52 9.67
CA SER A 663 -19.93 -32.37 8.76
C SER A 663 -21.07 -31.62 9.44
N PHE A 664 -21.86 -30.92 8.64
CA PHE A 664 -23.01 -30.15 9.14
C PHE A 664 -24.27 -30.48 8.35
N GLN A 665 -24.34 -31.67 7.75
CA GLN A 665 -25.54 -32.08 7.04
C GLN A 665 -26.75 -32.11 7.95
N SER A 666 -26.55 -32.16 9.26
CA SER A 666 -27.67 -32.15 10.20
C SER A 666 -28.39 -30.81 10.26
N LEU A 667 -27.74 -29.72 9.85
CA LEU A 667 -28.32 -28.39 9.98
C LEU A 667 -29.09 -27.93 8.76
N ASN A 668 -29.02 -28.67 7.65
CA ASN A 668 -29.70 -28.24 6.43
C ASN A 668 -31.21 -28.13 6.63
N PRO A 669 -31.90 -29.13 7.21
CA PRO A 669 -33.34 -28.96 7.44
C PRO A 669 -33.68 -27.92 8.50
N VAL A 670 -32.75 -27.63 9.42
CA VAL A 670 -33.04 -26.70 10.50
C VAL A 670 -32.99 -25.25 10.02
N LEU A 671 -32.15 -24.96 9.03
CA LEU A 671 -31.99 -23.60 8.51
C LEU A 671 -32.76 -23.37 7.22
N SER A 672 -33.67 -24.27 6.86
CA SER A 672 -34.44 -24.16 5.62
C SER A 672 -33.51 -24.02 4.41
N LEU A 673 -32.50 -24.88 4.37
CA LEU A 673 -31.52 -24.91 3.28
C LEU A 673 -31.46 -26.30 2.69
N PRO A 674 -32.54 -26.75 2.04
CA PRO A 674 -32.53 -28.07 1.41
C PRO A 674 -31.61 -28.11 0.20
N ILE A 675 -31.11 -29.31 -0.10
CA ILE A 675 -30.17 -29.52 -1.20
C ILE A 675 -30.97 -30.13 -2.35
N ASN A 676 -31.31 -29.29 -3.32
CA ASN A 676 -32.05 -29.74 -4.50
C ASN A 676 -31.20 -30.75 -5.28
N PRO A 677 -31.67 -31.99 -5.46
CA PRO A 677 -30.87 -32.96 -6.25
C PRO A 677 -30.59 -32.51 -7.67
N ALA A 678 -31.41 -31.61 -8.23
CA ALA A 678 -31.23 -31.20 -9.62
C ALA A 678 -30.04 -30.27 -9.78
N GLN A 679 -29.99 -29.20 -8.99
CA GLN A 679 -28.93 -28.21 -9.15
C GLN A 679 -27.56 -28.76 -8.78
N VAL A 680 -27.51 -29.78 -7.91
CA VAL A 680 -26.24 -30.45 -7.67
C VAL A 680 -25.69 -31.03 -8.98
N GLU A 681 -26.57 -31.67 -9.77
CA GLU A 681 -26.13 -32.24 -11.02
C GLU A 681 -25.81 -31.16 -12.05
N GLN A 682 -26.63 -30.10 -12.11
CA GLN A 682 -26.32 -28.99 -13.00
C GLN A 682 -25.02 -28.31 -12.63
N ALA A 683 -24.55 -28.46 -11.39
CA ALA A 683 -23.23 -27.97 -11.03
C ALA A 683 -22.14 -28.87 -11.60
N ARG A 684 -22.38 -30.18 -11.64
CA ARG A 684 -21.47 -31.08 -12.33
C ARG A 684 -21.33 -30.69 -13.80
N ARG A 685 -22.47 -30.51 -14.48
CA ARG A 685 -22.44 -30.11 -15.88
C ARG A 685 -21.71 -28.80 -16.07
N ASN A 686 -21.94 -27.83 -15.17
CA ASN A 686 -21.23 -26.56 -15.26
C ASN A 686 -19.73 -26.75 -15.09
N ALA A 687 -19.32 -27.65 -14.19
CA ALA A 687 -17.90 -27.87 -13.92
C ALA A 687 -17.16 -28.42 -15.13
N ALA A 688 -17.87 -28.99 -16.10
CA ALA A 688 -17.25 -29.62 -17.26
C ALA A 688 -17.23 -28.71 -18.49
N SER A 689 -17.76 -27.49 -18.38
CA SER A 689 -17.89 -26.62 -19.53
C SER A 689 -16.65 -25.77 -19.73
N THR A 690 -16.41 -25.41 -20.99
CA THR A 690 -15.32 -24.51 -21.37
C THR A 690 -15.81 -23.62 -22.50
N GLY A 691 -14.94 -22.73 -22.95
CA GLY A 691 -15.27 -21.89 -24.11
C GLY A 691 -16.56 -21.11 -23.89
N THR A 692 -17.44 -21.18 -24.90
CA THR A 692 -18.67 -20.38 -24.87
C THR A 692 -19.53 -20.75 -23.67
N ALA A 693 -19.76 -22.04 -23.45
CA ALA A 693 -20.61 -22.46 -22.34
C ALA A 693 -20.09 -21.93 -21.01
N LEU A 694 -18.78 -21.99 -20.80
CA LEU A 694 -18.21 -21.49 -19.55
C LEU A 694 -18.33 -19.98 -19.44
N GLU A 695 -18.18 -19.27 -20.56
CA GLU A 695 -18.33 -17.82 -20.54
C GLU A 695 -19.77 -17.42 -20.19
N GLY A 696 -20.75 -18.15 -20.72
CA GLY A 696 -22.13 -17.87 -20.38
C GLY A 696 -22.42 -18.10 -18.91
N TRP A 697 -21.86 -19.18 -18.34
CA TRP A 697 -22.01 -19.43 -16.91
C TRP A 697 -21.39 -18.32 -16.09
N LEU A 698 -20.18 -17.88 -16.45
CA LEU A 698 -19.51 -16.82 -15.72
C LEU A 698 -20.30 -15.51 -15.81
N ASP A 699 -20.55 -15.05 -17.04
CA ASP A 699 -21.24 -13.77 -17.21
C ASP A 699 -22.60 -13.75 -16.51
N SER A 700 -23.25 -14.92 -16.39
CA SER A 700 -24.50 -15.00 -15.64
C SER A 700 -24.28 -14.70 -14.17
N LEU A 701 -23.20 -15.25 -13.58
CA LEU A 701 -22.93 -15.02 -12.17
C LEU A 701 -22.49 -13.59 -11.91
N VAL A 702 -21.65 -13.03 -12.79
CA VAL A 702 -21.16 -11.67 -12.59
C VAL A 702 -22.30 -10.67 -12.70
N GLY A 703 -23.18 -10.84 -13.69
CA GLY A 703 -24.31 -9.94 -13.84
C GLY A 703 -25.24 -9.94 -12.64
N GLY A 704 -25.27 -11.05 -11.91
CA GLY A 704 -26.09 -11.11 -10.71
C GLY A 704 -25.49 -10.44 -9.49
N MET A 705 -24.21 -10.10 -9.54
CA MET A 705 -23.52 -9.48 -8.41
C MET A 705 -22.92 -8.12 -8.75
N TRP A 706 -22.89 -7.73 -10.02
CA TRP A 706 -22.33 -6.46 -10.45
C TRP A 706 -23.27 -5.78 -11.43
N THR A 707 -23.18 -4.46 -11.49
CA THR A 707 -23.98 -3.65 -12.40
C THR A 707 -23.06 -2.79 -13.25
N ALA A 708 -23.27 -2.83 -14.57
CA ALA A 708 -22.58 -1.92 -15.48
C ALA A 708 -23.28 -0.58 -15.40
N MET A 709 -22.66 0.36 -14.69
CA MET A 709 -23.31 1.64 -14.40
C MET A 709 -23.37 2.52 -15.65
N ASP A 710 -22.30 2.55 -16.44
CA ASP A 710 -22.23 3.41 -17.60
C ASP A 710 -21.04 3.00 -18.43
N ILE A 711 -21.01 3.46 -19.67
CA ILE A 711 -19.90 3.19 -20.59
C ILE A 711 -19.76 4.38 -21.53
N CYS A 712 -18.52 4.80 -21.78
CA CYS A 712 -18.23 5.96 -22.60
C CYS A 712 -17.15 5.60 -23.62
N ALA A 713 -17.02 6.46 -24.63
CA ALA A 713 -16.01 6.32 -25.66
C ALA A 713 -14.91 7.36 -25.45
N THR A 714 -13.66 6.95 -25.69
CA THR A 714 -12.54 7.88 -25.54
C THR A 714 -12.34 8.71 -26.80
N GLY A 715 -12.56 8.11 -27.97
CA GLY A 715 -12.47 8.83 -29.22
C GLY A 715 -13.78 8.79 -29.99
N PRO A 716 -13.72 8.97 -31.30
CA PRO A 716 -14.96 8.97 -32.09
C PRO A 716 -15.67 7.63 -32.01
N THR A 717 -17.01 7.69 -32.03
CA THR A 717 -17.83 6.50 -31.89
C THR A 717 -19.04 6.59 -32.81
N ALA A 718 -19.58 5.43 -33.16
CA ALA A 718 -20.79 5.34 -33.97
C ALA A 718 -22.03 5.05 -33.15
N CYS A 719 -21.89 4.73 -31.88
CA CYS A 719 -23.03 4.51 -30.99
C CYS A 719 -23.66 5.85 -30.65
N PRO A 720 -24.88 6.16 -31.12
CA PRO A 720 -25.42 7.52 -30.95
C PRO A 720 -25.67 7.92 -29.51
N VAL A 721 -25.69 6.98 -28.57
CA VAL A 721 -26.09 7.27 -27.19
C VAL A 721 -24.91 7.15 -26.22
N MET A 722 -23.68 7.07 -26.73
CA MET A 722 -22.51 6.95 -25.89
C MET A 722 -21.81 8.30 -25.76
N GLN A 723 -21.54 8.70 -24.53
CA GLN A 723 -20.91 9.97 -24.24
C GLN A 723 -19.40 9.86 -24.38
N THR A 724 -18.75 11.01 -24.59
CA THR A 724 -17.30 11.06 -24.62
C THR A 724 -16.77 11.04 -23.19
N CYS A 725 -15.76 10.19 -22.94
CA CYS A 725 -15.31 9.96 -21.57
C CYS A 725 -14.86 11.26 -20.91
N SER A 726 -14.16 12.13 -21.65
CA SER A 726 -13.69 13.38 -21.06
C SER A 726 -14.83 14.27 -20.60
N GLN A 727 -16.04 14.06 -21.09
CA GLN A 727 -17.19 14.88 -20.75
C GLN A 727 -18.02 14.30 -19.62
N THR A 728 -17.66 13.12 -19.11
CA THR A 728 -18.38 12.54 -17.99
C THR A 728 -17.83 13.07 -16.68
N ALA A 729 -18.44 12.66 -15.57
CA ALA A 729 -17.96 13.01 -14.24
C ALA A 729 -17.20 11.87 -13.56
N TRP A 730 -17.28 10.65 -14.10
CA TRP A 730 -16.75 9.47 -13.44
C TRP A 730 -15.54 8.85 -14.12
N SER A 731 -15.27 9.21 -15.37
CA SER A 731 -14.21 8.56 -16.13
C SER A 731 -12.83 9.00 -15.66
N SER A 732 -11.86 8.08 -15.76
CA SER A 732 -10.47 8.44 -15.51
C SER A 732 -9.91 9.38 -16.55
N PHE A 733 -10.69 9.68 -17.60
CA PHE A 733 -10.34 10.68 -18.60
C PHE A 733 -10.94 12.04 -18.30
N SER A 734 -11.75 12.18 -17.26
CA SER A 734 -12.41 13.44 -16.96
C SER A 734 -11.47 14.37 -16.20
N PRO A 735 -11.78 15.67 -16.17
CA PRO A 735 -10.87 16.63 -15.54
C PRO A 735 -10.69 16.35 -14.05
N ASP A 736 -9.44 16.44 -13.60
CA ASP A 736 -9.07 16.21 -12.21
C ASP A 736 -8.00 17.23 -11.81
N PRO A 737 -8.37 18.51 -11.79
CA PRO A 737 -7.33 19.56 -11.66
C PRO A 737 -6.53 19.50 -10.37
N LYS A 738 -7.09 18.97 -9.28
CA LYS A 738 -6.36 18.91 -8.02
C LYS A 738 -5.09 18.08 -8.13
N SER A 739 -5.03 17.14 -9.08
CA SER A 739 -3.86 16.30 -9.27
C SER A 739 -3.12 16.62 -10.58
N GLU A 740 -3.53 17.65 -11.30
CA GLU A 740 -2.90 18.01 -12.56
C GLU A 740 -1.82 19.06 -12.35
N LEU A 741 -0.76 18.97 -13.13
CA LEU A 741 0.42 19.82 -12.98
C LEU A 741 0.65 20.60 -14.26
N GLY A 742 0.65 21.93 -14.16
CA GLY A 742 0.83 22.78 -15.32
C GLY A 742 2.07 23.65 -15.23
N ALA A 743 2.02 24.82 -15.85
CA ALA A 743 3.18 25.71 -15.89
C ALA A 743 3.36 26.41 -14.55
N VAL A 744 4.59 26.86 -14.31
CA VAL A 744 4.93 27.54 -13.06
C VAL A 744 4.41 28.97 -13.12
N LYS A 745 3.85 29.43 -12.01
CA LYS A 745 3.23 30.74 -11.92
C LYS A 745 4.25 31.79 -11.52
N PRO A 746 3.91 33.08 -11.68
CA PRO A 746 4.86 34.14 -11.32
C PRO A 746 5.50 33.99 -9.94
N ASP A 747 4.75 33.50 -8.96
CA ASP A 747 5.30 33.32 -7.62
C ASP A 747 6.16 32.07 -7.48
N GLY A 748 6.38 31.33 -8.57
CA GLY A 748 7.19 30.13 -8.52
C GLY A 748 6.48 28.90 -8.02
N ARG A 749 5.15 28.92 -7.96
CA ARG A 749 4.36 27.84 -7.40
C ARG A 749 3.55 27.15 -8.48
N LEU A 750 3.09 25.93 -8.15
CA LEU A 750 2.12 25.23 -8.99
C LEU A 750 0.72 25.25 -8.39
N ARG A 751 0.60 25.42 -7.07
CA ARG A 751 -0.68 25.38 -6.38
C ARG A 751 -1.29 26.78 -6.30
N GLU B 2 6.26 10.64 20.56
CA GLU B 2 6.63 9.34 21.11
C GLU B 2 7.16 8.43 20.02
N GLU B 3 8.07 8.95 19.19
CA GLU B 3 8.64 8.19 18.09
C GLU B 3 9.83 7.40 18.63
N GLU B 4 9.54 6.19 19.10
CA GLU B 4 10.54 5.35 19.75
C GLU B 4 11.04 4.23 18.84
N GLY B 5 11.05 4.45 17.53
CA GLY B 5 11.47 3.44 16.60
C GLY B 5 10.35 2.47 16.26
N SER B 6 10.53 1.77 15.14
CA SER B 6 9.50 0.89 14.60
C SER B 6 9.65 -0.56 15.08
N GLY B 7 10.80 -0.93 15.65
CA GLY B 7 11.02 -2.31 16.04
C GLY B 7 10.33 -2.65 17.36
N VAL B 8 9.78 -3.86 17.41
CA VAL B 8 9.15 -4.40 18.63
C VAL B 8 10.02 -5.48 19.26
N GLY B 9 10.35 -6.52 18.50
CA GLY B 9 11.11 -7.63 19.03
C GLY B 9 10.99 -8.82 18.10
N GLN B 10 11.57 -9.93 18.54
CA GLN B 10 11.52 -11.16 17.75
C GLN B 10 10.22 -11.91 18.03
#